data_6ZLK
#
_entry.id   6ZLK
#
_cell.length_a   53.737
_cell.length_b   124.349
_cell.length_c   98.364
_cell.angle_alpha   90.000
_cell.angle_beta   90.630
_cell.angle_gamma   90.000
#
_symmetry.space_group_name_H-M   'P 1 21 1'
#
loop_
_entity.id
_entity.type
_entity.pdbx_description
1 polymer 'Epimerase domain-containing protein'
2 non-polymer NICOTINAMIDE-ADENINE-DINUCLEOTIDE
3 non-polymer "URIDINE-5'-DIPHOSPHATE-GLUCURONIC ACID"
4 non-polymer '(2S,3R,4S,5R,6R)-6-[[[(2R,3S,4R,5R)-5-(2,4-dioxopyrimidin-1-yl)-3,4-dihydroxy-oxolan-2-yl]methoxy-hydroxy-phosphoryl]oxy-hydroxy-phosphoryl]oxy-3,4,5-trihydroxy-oxane-2-carboxylic acid'
5 water water
#
_entity_poly.entity_id   1
_entity_poly.type   'polypeptide(L)'
_entity_poly.pdbx_seq_one_letter_code
;MKILVTGAAGFIGSHLCQALLKNSAYHVVGIDHFIGPTPATLKTGNIQSLELNSRFQFIREDILNTDLSKLLQDIDVVYH
LAAIPGVRTSWGKDFQPYVTNNIMVTQQLLEACKHIKLDKFIHISTSSVYGEKSGAVSEDLLPIPLSPYGVTKLSGEHLC
HVYHKNFHIPIVILRYFTVYGPRQRPDMAFHRLIKQMLEDKPLTIFGDGTQTRDFTYIDDCIRGTVAALETKKNIIGEVI
NIGGKEQASILDIISMLEKISGKSATKNFLKSVPGEPKQTWADISKASTLLQYSPTVSLSDGLEAEYDYIKQLYKGDAAW
SHPQFEK
;
_entity_poly.pdbx_strand_id   A,B,C,D
#
# COMPACT_ATOMS: atom_id res chain seq x y z
N MET A 1 -14.92 7.46 -9.37
CA MET A 1 -13.95 7.57 -10.49
C MET A 1 -13.68 6.17 -11.04
N LYS A 2 -13.64 6.02 -12.34
CA LYS A 2 -13.43 4.72 -12.98
C LYS A 2 -12.05 4.76 -13.63
N ILE A 3 -11.24 3.79 -13.28
CA ILE A 3 -9.80 3.79 -13.60
C ILE A 3 -9.49 2.49 -14.35
N LEU A 4 -8.83 2.64 -15.50
CA LEU A 4 -8.31 1.49 -16.27
C LEU A 4 -6.86 1.32 -15.89
N VAL A 5 -6.46 0.13 -15.44
CA VAL A 5 -5.05 -0.20 -15.17
C VAL A 5 -4.59 -1.20 -16.19
N THR A 6 -3.76 -0.83 -17.11
CA THR A 6 -3.21 -1.83 -18.06
C THR A 6 -2.07 -2.53 -17.36
N GLY A 7 -1.85 -3.80 -17.67
CA GLY A 7 -0.81 -4.60 -17.01
C GLY A 7 -1.15 -4.86 -15.55
N ALA A 8 -2.42 -4.99 -15.23
CA ALA A 8 -2.97 -5.05 -13.86
C ALA A 8 -2.52 -6.32 -13.12
N ALA A 9 -2.13 -7.39 -13.85
CA ALA A 9 -1.70 -8.66 -13.20
C ALA A 9 -0.19 -8.71 -12.94
N GLY A 10 0.53 -7.68 -13.35
CA GLY A 10 1.99 -7.60 -13.19
C GLY A 10 2.36 -7.20 -11.77
N PHE A 11 3.65 -7.08 -11.53
CA PHE A 11 4.23 -6.75 -10.23
C PHE A 11 3.64 -5.43 -9.72
N ILE A 12 3.87 -4.35 -10.49
CA ILE A 12 3.42 -3.02 -10.03
C ILE A 12 1.90 -2.88 -10.13
N GLY A 13 1.31 -3.39 -11.23
CA GLY A 13 -0.12 -3.27 -11.53
C GLY A 13 -0.96 -3.92 -10.46
N SER A 14 -0.55 -5.08 -9.96
CA SER A 14 -1.36 -5.80 -8.96
C SER A 14 -1.40 -4.99 -7.66
N HIS A 15 -0.27 -4.38 -7.30
CA HIS A 15 -0.16 -3.55 -6.06
C HIS A 15 -0.96 -2.26 -6.27
N LEU A 16 -0.91 -1.70 -7.46
CA LEU A 16 -1.65 -0.46 -7.76
C LEU A 16 -3.16 -0.69 -7.68
N CYS A 17 -3.64 -1.77 -8.26
CA CYS A 17 -5.08 -2.08 -8.20
C CYS A 17 -5.52 -2.22 -6.73
N GLN A 18 -4.76 -2.95 -5.94
CA GLN A 18 -5.05 -3.19 -4.51
C GLN A 18 -5.14 -1.84 -3.80
N ALA A 19 -4.19 -0.95 -4.05
CA ALA A 19 -4.16 0.36 -3.39
C ALA A 19 -5.37 1.21 -3.81
N LEU A 20 -5.66 1.30 -5.11
CA LEU A 20 -6.81 2.09 -5.57
C LEU A 20 -8.11 1.60 -4.93
N LEU A 21 -8.28 0.29 -4.84
CA LEU A 21 -9.56 -0.29 -4.39
C LEU A 21 -9.76 -0.03 -2.89
N LYS A 22 -8.73 0.38 -2.15
CA LYS A 22 -8.92 0.80 -0.73
C LYS A 22 -9.81 2.03 -0.63
N ASN A 23 -9.85 2.86 -1.65
CA ASN A 23 -10.74 4.04 -1.69
C ASN A 23 -12.09 3.57 -2.26
N SER A 24 -13.15 3.64 -1.43
CA SER A 24 -14.48 3.12 -1.84
C SER A 24 -15.04 3.88 -3.02
N ALA A 25 -14.55 5.08 -3.33
CA ALA A 25 -15.04 5.86 -4.47
C ALA A 25 -14.49 5.30 -5.79
N TYR A 26 -13.41 4.53 -5.76
CA TYR A 26 -12.72 4.15 -7.01
C TYR A 26 -13.26 2.82 -7.50
N HIS A 27 -13.44 2.75 -8.80
CA HIS A 27 -13.74 1.51 -9.52
C HIS A 27 -12.55 1.25 -10.46
N VAL A 28 -12.16 0.01 -10.59
CA VAL A 28 -10.93 -0.30 -11.36
C VAL A 28 -11.25 -1.40 -12.35
N VAL A 29 -10.79 -1.21 -13.57
CA VAL A 29 -10.79 -2.24 -14.64
C VAL A 29 -9.33 -2.58 -14.92
N GLY A 30 -8.95 -3.82 -14.76
CA GLY A 30 -7.60 -4.32 -15.05
C GLY A 30 -7.61 -5.06 -16.35
N ILE A 31 -6.63 -4.84 -17.20
CA ILE A 31 -6.52 -5.61 -18.45
C ILE A 31 -5.12 -6.19 -18.50
N ASP A 32 -4.98 -7.47 -18.80
CA ASP A 32 -3.69 -8.18 -18.78
C ASP A 32 -3.88 -9.49 -19.53
N HIS A 33 -3.01 -9.89 -20.46
CA HIS A 33 -3.16 -11.28 -21.01
C HIS A 33 -1.92 -12.11 -20.67
N PHE A 34 -1.25 -11.80 -19.57
CA PHE A 34 -0.29 -12.69 -18.90
C PHE A 34 0.89 -13.01 -19.84
N ILE A 35 1.59 -12.01 -20.33
CA ILE A 35 2.83 -12.23 -21.11
C ILE A 35 4.03 -11.59 -20.36
N GLY A 36 5.17 -11.59 -21.01
CA GLY A 36 6.42 -11.10 -20.46
C GLY A 36 7.11 -12.13 -19.55
N PRO A 37 8.05 -11.68 -18.73
CA PRO A 37 8.95 -12.62 -18.07
C PRO A 37 8.37 -13.41 -16.91
N THR A 38 7.32 -12.93 -16.27
CA THR A 38 6.73 -13.60 -15.10
C THR A 38 5.73 -14.62 -15.61
N PRO A 39 5.87 -15.92 -15.25
CA PRO A 39 4.87 -16.88 -15.67
C PRO A 39 3.51 -16.54 -15.05
N ALA A 40 2.43 -16.94 -15.73
CA ALA A 40 1.03 -16.61 -15.38
C ALA A 40 0.67 -17.21 -14.05
N THR A 41 1.29 -18.34 -13.73
CA THR A 41 1.02 -19.09 -12.51
C THR A 41 1.26 -18.17 -11.30
N LEU A 42 2.13 -17.15 -11.41
CA LEU A 42 2.42 -16.25 -10.27
C LEU A 42 1.43 -15.08 -10.22
N LYS A 43 0.59 -14.91 -11.24
CA LYS A 43 -0.27 -13.72 -11.39
C LYS A 43 -1.74 -14.02 -11.11
N THR A 44 -2.20 -15.26 -11.27
CA THR A 44 -3.64 -15.53 -11.24
C THR A 44 -4.21 -15.31 -9.83
N GLY A 45 -3.47 -15.70 -8.80
CA GLY A 45 -3.92 -15.56 -7.40
C GLY A 45 -4.33 -14.11 -7.12
N ASN A 46 -3.45 -13.17 -7.40
CA ASN A 46 -3.68 -11.74 -7.07
C ASN A 46 -4.94 -11.30 -7.82
N ILE A 47 -5.07 -11.70 -9.09
CA ILE A 47 -6.26 -11.29 -9.89
C ILE A 47 -7.54 -11.89 -9.28
N GLN A 48 -7.51 -13.17 -8.89
CA GLN A 48 -8.70 -13.82 -8.31
C GLN A 48 -9.10 -13.06 -7.03
N SER A 49 -8.13 -12.65 -6.23
CA SER A 49 -8.39 -11.92 -4.96
C SER A 49 -9.00 -10.54 -5.25
N LEU A 50 -8.46 -9.82 -6.22
CA LEU A 50 -9.05 -8.51 -6.63
C LEU A 50 -10.47 -8.71 -7.14
N GLU A 51 -10.74 -9.81 -7.85
CA GLU A 51 -12.07 -10.02 -8.47
C GLU A 51 -13.14 -10.25 -7.39
N LEU A 52 -12.75 -10.55 -6.14
CA LEU A 52 -13.74 -10.62 -5.04
C LEU A 52 -14.35 -9.25 -4.75
N ASN A 53 -13.66 -8.17 -5.13
CA ASN A 53 -14.08 -6.81 -4.83
C ASN A 53 -15.12 -6.37 -5.87
N SER A 54 -16.30 -5.92 -5.43
CA SER A 54 -17.39 -5.56 -6.36
C SER A 54 -16.97 -4.39 -7.26
N ARG A 55 -15.89 -3.69 -6.95
CA ARG A 55 -15.49 -2.48 -7.71
C ARG A 55 -14.31 -2.80 -8.62
N PHE A 56 -13.99 -4.07 -8.80
CA PHE A 56 -12.89 -4.53 -9.70
C PHE A 56 -13.46 -5.43 -10.78
N GLN A 57 -13.03 -5.19 -12.02
CA GLN A 57 -13.34 -6.06 -13.18
C GLN A 57 -12.03 -6.39 -13.86
N PHE A 58 -11.84 -7.61 -14.28
CA PHE A 58 -10.63 -8.03 -15.01
C PHE A 58 -10.97 -8.44 -16.44
N ILE A 59 -10.11 -8.03 -17.39
CA ILE A 59 -10.20 -8.45 -18.81
C ILE A 59 -8.91 -9.15 -19.15
N ARG A 60 -8.99 -10.41 -19.51
CA ARG A 60 -7.82 -11.23 -19.83
C ARG A 60 -7.70 -11.16 -21.34
N GLU A 61 -7.13 -10.08 -21.87
CA GLU A 61 -7.05 -9.92 -23.33
C GLU A 61 -5.82 -9.05 -23.61
N ASP A 62 -5.23 -9.26 -24.75
CA ASP A 62 -4.17 -8.35 -25.29
C ASP A 62 -4.82 -7.02 -25.59
N ILE A 63 -4.24 -5.90 -25.17
CA ILE A 63 -4.78 -4.61 -25.59
C ILE A 63 -4.93 -4.53 -27.11
N LEU A 64 -4.03 -5.13 -27.88
CA LEU A 64 -4.10 -4.99 -29.35
C LEU A 64 -5.29 -5.78 -29.93
N ASN A 65 -5.77 -6.77 -29.20
CA ASN A 65 -6.94 -7.60 -29.61
C ASN A 65 -8.24 -7.05 -29.03
N THR A 66 -8.20 -5.99 -28.24
CA THR A 66 -9.37 -5.50 -27.48
C THR A 66 -10.04 -4.38 -28.28
N ASP A 67 -11.36 -4.29 -28.17
CA ASP A 67 -12.15 -3.13 -28.63
C ASP A 67 -11.93 -1.97 -27.67
N LEU A 68 -11.01 -1.08 -27.98
CA LEU A 68 -10.60 -0.04 -27.01
C LEU A 68 -11.69 1.02 -26.90
N SER A 69 -12.51 1.21 -27.93
CA SER A 69 -13.68 2.12 -27.85
C SER A 69 -14.62 1.64 -26.73
N LYS A 70 -15.01 0.39 -26.74
CA LYS A 70 -15.81 -0.24 -25.65
C LYS A 70 -15.09 -0.12 -24.30
N LEU A 71 -13.80 -0.44 -24.24
CA LEU A 71 -13.05 -0.48 -22.97
C LEU A 71 -13.06 0.91 -22.34
N LEU A 72 -12.89 1.96 -23.14
CA LEU A 72 -12.55 3.28 -22.56
C LEU A 72 -13.79 4.16 -22.38
N GLN A 73 -14.97 3.74 -22.84
CA GLN A 73 -16.15 4.64 -22.94
C GLN A 73 -16.49 5.27 -21.57
N ASP A 74 -16.36 4.54 -20.46
CA ASP A 74 -16.73 5.05 -19.12
C ASP A 74 -15.48 5.28 -18.22
N ILE A 75 -14.29 5.37 -18.81
CA ILE A 75 -13.02 5.51 -18.03
C ILE A 75 -12.69 6.98 -17.80
N ASP A 76 -12.38 7.34 -16.58
CA ASP A 76 -11.90 8.70 -16.19
C ASP A 76 -10.38 8.82 -16.27
N VAL A 77 -9.65 7.79 -15.87
CA VAL A 77 -8.19 7.81 -15.67
C VAL A 77 -7.66 6.50 -16.24
N VAL A 78 -6.59 6.61 -16.99
CA VAL A 78 -5.81 5.41 -17.44
C VAL A 78 -4.47 5.41 -16.75
N TYR A 79 -4.16 4.33 -16.07
CA TYR A 79 -2.79 3.99 -15.65
C TYR A 79 -2.24 2.97 -16.63
N HIS A 80 -1.27 3.39 -17.42
CA HIS A 80 -0.75 2.52 -18.49
C HIS A 80 0.56 1.89 -18.04
N LEU A 81 0.50 0.69 -17.48
CA LEU A 81 1.67 -0.04 -17.00
C LEU A 81 2.01 -1.22 -17.92
N ALA A 82 1.12 -1.63 -18.81
CA ALA A 82 1.40 -2.82 -19.67
C ALA A 82 2.66 -2.57 -20.47
N ALA A 83 3.56 -3.52 -20.50
CA ALA A 83 4.81 -3.43 -21.22
C ALA A 83 5.51 -4.77 -21.11
N ILE A 84 6.55 -4.91 -21.91
CA ILE A 84 7.55 -5.97 -21.72
C ILE A 84 8.73 -5.27 -21.08
N PRO A 85 9.06 -5.62 -19.82
CA PRO A 85 10.17 -4.99 -19.13
C PRO A 85 11.41 -5.88 -19.29
N GLY A 86 12.53 -5.41 -18.83
CA GLY A 86 13.71 -6.30 -18.73
C GLY A 86 14.77 -5.78 -19.65
N VAL A 87 15.74 -5.09 -19.06
CA VAL A 87 16.84 -4.46 -19.79
C VAL A 87 17.60 -5.58 -20.52
N ARG A 88 17.82 -6.71 -19.86
CA ARG A 88 18.91 -7.63 -20.27
C ARG A 88 18.42 -8.58 -21.36
N THR A 89 17.12 -8.72 -21.57
CA THR A 89 16.55 -9.71 -22.52
C THR A 89 15.88 -9.01 -23.71
N SER A 90 16.40 -7.84 -24.13
CA SER A 90 15.75 -7.00 -25.19
C SER A 90 16.58 -7.05 -26.47
N TRP A 91 17.50 -8.01 -26.60
CA TRP A 91 18.44 -8.11 -27.75
C TRP A 91 17.93 -9.08 -28.80
N GLY A 92 18.45 -8.95 -30.02
CA GLY A 92 18.26 -9.91 -31.12
C GLY A 92 16.81 -10.27 -31.33
N LYS A 93 16.51 -11.59 -31.35
CA LYS A 93 15.18 -12.11 -31.71
C LYS A 93 14.16 -11.78 -30.61
N ASP A 94 14.61 -11.33 -29.44
CA ASP A 94 13.73 -11.01 -28.27
C ASP A 94 13.15 -9.59 -28.43
N PHE A 95 13.65 -8.79 -29.35
CA PHE A 95 13.28 -7.34 -29.43
C PHE A 95 11.84 -7.13 -29.90
N GLN A 96 11.35 -7.91 -30.87
CA GLN A 96 10.07 -7.65 -31.54
C GLN A 96 8.95 -7.48 -30.49
N PRO A 97 8.80 -8.34 -29.45
CA PRO A 97 7.73 -8.10 -28.48
C PRO A 97 7.81 -6.78 -27.72
N TYR A 98 9.01 -6.26 -27.53
CA TYR A 98 9.19 -4.94 -26.87
C TYR A 98 8.63 -3.85 -27.76
N VAL A 99 8.87 -3.98 -29.07
CA VAL A 99 8.30 -2.95 -29.98
C VAL A 99 6.76 -3.05 -30.00
N THR A 100 6.21 -4.24 -30.16
CA THR A 100 4.77 -4.41 -30.27
C THR A 100 4.09 -3.99 -28.96
N ASN A 101 4.59 -4.45 -27.85
CA ASN A 101 3.86 -4.20 -26.58
C ASN A 101 4.24 -2.87 -25.94
N ASN A 102 5.38 -2.26 -26.26
CA ASN A 102 5.78 -1.01 -25.59
C ASN A 102 5.47 0.18 -26.51
N ILE A 103 5.46 -0.01 -27.83
CA ILE A 103 5.21 1.11 -28.78
C ILE A 103 3.81 1.00 -29.39
N MET A 104 3.51 -0.11 -30.04
CA MET A 104 2.20 -0.24 -30.74
C MET A 104 1.06 -0.17 -29.72
N VAL A 105 1.18 -0.82 -28.56
CA VAL A 105 0.11 -0.77 -27.54
C VAL A 105 -0.12 0.68 -27.08
N THR A 106 0.95 1.41 -26.87
CA THR A 106 0.82 2.79 -26.38
C THR A 106 0.13 3.64 -27.44
N GLN A 107 0.54 3.47 -28.68
CA GLN A 107 -0.11 4.23 -29.78
C GLN A 107 -1.61 3.89 -29.81
N GLN A 108 -1.97 2.62 -29.76
CA GLN A 108 -3.40 2.26 -29.87
C GLN A 108 -4.20 2.85 -28.70
N LEU A 109 -3.69 2.79 -27.50
CA LEU A 109 -4.36 3.39 -26.33
C LEU A 109 -4.54 4.89 -26.56
N LEU A 110 -3.48 5.59 -26.98
CA LEU A 110 -3.61 7.05 -27.16
C LEU A 110 -4.59 7.38 -28.26
N GLU A 111 -4.57 6.63 -29.38
CA GLU A 111 -5.55 6.87 -30.47
C GLU A 111 -6.97 6.74 -29.90
N ALA A 112 -7.20 5.73 -29.07
CA ALA A 112 -8.55 5.44 -28.55
C ALA A 112 -8.96 6.57 -27.60
N CYS A 113 -7.99 7.23 -26.97
CA CYS A 113 -8.25 8.28 -25.98
C CYS A 113 -8.58 9.63 -26.65
N LYS A 114 -8.35 9.78 -27.95
CA LYS A 114 -8.81 10.96 -28.73
C LYS A 114 -10.35 11.10 -28.61
N HIS A 115 -11.08 9.98 -28.54
CA HIS A 115 -12.57 9.91 -28.67
C HIS A 115 -13.25 9.92 -27.30
N ILE A 116 -12.55 10.28 -26.24
CA ILE A 116 -13.15 10.36 -24.88
C ILE A 116 -12.59 11.61 -24.19
N LYS A 117 -13.05 11.92 -22.99
CA LYS A 117 -12.49 13.13 -22.30
C LYS A 117 -11.89 12.68 -20.98
N LEU A 118 -10.72 12.06 -21.02
CA LEU A 118 -10.09 11.57 -19.79
C LEU A 118 -9.80 12.75 -18.88
N ASP A 119 -9.73 12.45 -17.60
CA ASP A 119 -9.04 13.32 -16.61
C ASP A 119 -7.53 13.24 -16.82
N LYS A 120 -6.96 12.04 -16.86
CA LYS A 120 -5.50 11.85 -16.87
C LYS A 120 -5.20 10.54 -17.57
N PHE A 121 -4.14 10.57 -18.34
CA PHE A 121 -3.53 9.37 -18.95
C PHE A 121 -2.16 9.25 -18.35
N ILE A 122 -2.03 8.39 -17.34
CA ILE A 122 -0.82 8.29 -16.51
C ILE A 122 0.03 7.14 -17.07
N HIS A 123 1.07 7.51 -17.77
CA HIS A 123 1.95 6.60 -18.53
C HIS A 123 3.15 6.24 -17.69
N ILE A 124 3.38 4.97 -17.43
CA ILE A 124 4.51 4.54 -16.60
C ILE A 124 5.71 4.23 -17.50
N SER A 125 6.78 4.96 -17.26
CA SER A 125 8.05 4.76 -17.97
C SER A 125 9.15 4.35 -16.98
N THR A 126 10.40 4.49 -17.37
CA THR A 126 11.53 3.83 -16.69
C THR A 126 12.73 4.77 -16.65
N SER A 127 13.53 4.62 -15.59
CA SER A 127 14.87 5.19 -15.50
C SER A 127 15.73 4.69 -16.69
N SER A 128 15.38 3.56 -17.31
CA SER A 128 16.18 3.03 -18.45
C SER A 128 16.20 3.98 -19.61
N VAL A 129 15.35 5.00 -19.66
CA VAL A 129 15.41 5.95 -20.81
C VAL A 129 16.65 6.82 -20.69
N TYR A 130 17.20 7.01 -19.48
CA TYR A 130 18.30 7.96 -19.29
C TYR A 130 19.60 7.41 -19.89
N GLY A 131 19.89 6.13 -19.69
CA GLY A 131 21.22 5.59 -20.02
C GLY A 131 22.22 5.91 -18.93
N GLU A 132 23.48 6.14 -19.29
CA GLU A 132 24.57 6.38 -18.31
C GLU A 132 24.69 7.87 -18.08
N LYS A 133 24.43 8.33 -16.86
CA LYS A 133 24.62 9.74 -16.46
C LYS A 133 25.38 9.78 -15.13
N SER A 134 26.13 10.86 -14.92
CA SER A 134 26.75 11.20 -13.62
C SER A 134 25.77 12.05 -12.83
N GLY A 135 25.69 11.82 -11.53
CA GLY A 135 24.84 12.67 -10.67
C GLY A 135 23.39 12.21 -10.71
N ALA A 136 22.56 12.84 -9.89
CA ALA A 136 21.11 12.57 -9.83
C ALA A 136 20.46 13.14 -11.07
N VAL A 137 19.72 12.33 -11.80
CA VAL A 137 19.19 12.81 -13.08
C VAL A 137 17.84 13.53 -12.87
N SER A 138 17.74 14.69 -13.50
CA SER A 138 16.46 15.40 -13.52
C SER A 138 15.76 15.13 -14.87
N GLU A 139 14.47 15.44 -14.93
CA GLU A 139 13.58 15.04 -16.04
C GLU A 139 13.82 15.82 -17.34
N ASP A 140 14.60 16.92 -17.31
CA ASP A 140 14.89 17.75 -18.51
C ASP A 140 16.14 17.23 -19.24
N LEU A 141 16.86 16.25 -18.69
CA LEU A 141 18.10 15.74 -19.31
C LEU A 141 17.81 15.09 -20.65
N LEU A 142 18.72 15.23 -21.60
CA LEU A 142 18.61 14.50 -22.88
C LEU A 142 18.76 13.00 -22.61
N PRO A 143 17.71 12.21 -22.86
CA PRO A 143 17.78 10.79 -22.58
C PRO A 143 18.46 10.05 -23.75
N ILE A 144 19.40 9.20 -23.42
CA ILE A 144 20.09 8.35 -24.43
C ILE A 144 20.13 6.95 -23.88
N PRO A 145 19.07 6.16 -24.14
CA PRO A 145 19.03 4.82 -23.58
C PRO A 145 20.25 3.97 -23.95
N LEU A 146 20.61 3.05 -23.06
CA LEU A 146 21.72 2.10 -23.25
C LEU A 146 21.20 0.73 -23.71
N SER A 147 19.89 0.49 -23.62
CA SER A 147 19.29 -0.80 -23.99
C SER A 147 18.17 -0.62 -25.00
N PRO A 148 17.91 -1.65 -25.84
CA PRO A 148 16.75 -1.68 -26.70
C PRO A 148 15.43 -1.53 -25.94
N TYR A 149 15.33 -2.14 -24.75
CA TYR A 149 14.19 -1.92 -23.83
C TYR A 149 13.96 -0.42 -23.61
N GLY A 150 15.01 0.29 -23.21
CA GLY A 150 14.95 1.70 -22.86
C GLY A 150 14.53 2.49 -24.07
N VAL A 151 15.03 2.07 -25.24
CA VAL A 151 14.60 2.77 -26.46
C VAL A 151 13.07 2.66 -26.61
N THR A 152 12.51 1.47 -26.50
CA THR A 152 11.08 1.29 -26.73
C THR A 152 10.23 2.05 -25.69
N LYS A 153 10.70 2.14 -24.45
CA LYS A 153 9.99 2.88 -23.39
C LYS A 153 10.07 4.39 -23.71
N LEU A 154 11.22 4.83 -24.17
CA LEU A 154 11.36 6.26 -24.54
C LEU A 154 10.41 6.55 -25.72
N SER A 155 10.31 5.66 -26.71
CA SER A 155 9.33 5.88 -27.83
C SER A 155 7.91 5.98 -27.30
N GLY A 156 7.57 5.20 -26.26
CA GLY A 156 6.26 5.33 -25.62
C GLY A 156 6.04 6.70 -25.02
N GLU A 157 7.04 7.29 -24.39
CA GLU A 157 6.91 8.63 -23.79
C GLU A 157 6.73 9.61 -24.95
N HIS A 158 7.49 9.43 -26.03
CA HIS A 158 7.40 10.39 -27.16
C HIS A 158 5.99 10.32 -27.73
N LEU A 159 5.41 9.13 -27.89
CA LEU A 159 4.03 9.02 -28.39
C LEU A 159 3.08 9.81 -27.48
N CYS A 160 3.22 9.70 -26.17
CA CYS A 160 2.41 10.50 -25.23
C CYS A 160 2.54 11.99 -25.58
N HIS A 161 3.77 12.49 -25.79
CA HIS A 161 3.89 13.93 -26.10
C HIS A 161 3.23 14.23 -27.44
N VAL A 162 3.32 13.35 -28.44
CA VAL A 162 2.66 13.61 -29.74
C VAL A 162 1.17 13.76 -29.55
N TYR A 163 0.55 12.90 -28.75
CA TYR A 163 -0.91 12.89 -28.64
C TYR A 163 -1.39 14.00 -27.70
N HIS A 164 -0.56 14.41 -26.75
CA HIS A 164 -0.86 15.55 -25.84
C HIS A 164 -0.84 16.82 -26.70
N LYS A 165 0.20 16.98 -27.50
CA LYS A 165 0.33 18.26 -28.24
C LYS A 165 -0.70 18.37 -29.33
N ASN A 166 -0.98 17.29 -30.03
CA ASN A 166 -1.87 17.35 -31.21
C ASN A 166 -3.35 17.26 -30.78
N PHE A 167 -3.66 16.44 -29.78
CA PHE A 167 -5.08 16.08 -29.49
C PHE A 167 -5.46 16.38 -28.04
N HIS A 168 -4.57 16.98 -27.25
CA HIS A 168 -4.83 17.45 -25.87
C HIS A 168 -5.12 16.27 -24.95
N ILE A 169 -4.69 15.05 -25.32
CA ILE A 169 -4.76 13.93 -24.34
C ILE A 169 -3.97 14.32 -23.10
N PRO A 170 -4.57 14.21 -21.88
CA PRO A 170 -3.99 14.73 -20.65
C PRO A 170 -2.97 13.75 -20.04
N ILE A 171 -1.82 13.66 -20.72
CA ILE A 171 -0.74 12.71 -20.33
C ILE A 171 0.00 13.21 -19.11
N VAL A 172 0.46 12.26 -18.31
CA VAL A 172 1.46 12.45 -17.24
C VAL A 172 2.40 11.25 -17.37
N ILE A 173 3.68 11.50 -17.32
CA ILE A 173 4.68 10.40 -17.42
C ILE A 173 5.40 10.22 -16.10
N LEU A 174 5.37 9.02 -15.54
CA LEU A 174 6.12 8.68 -14.32
C LEU A 174 7.28 7.79 -14.74
N ARG A 175 8.50 8.18 -14.44
CA ARG A 175 9.69 7.33 -14.64
C ARG A 175 10.05 6.66 -13.32
N TYR A 176 9.72 5.39 -13.21
CA TYR A 176 10.15 4.59 -12.04
C TYR A 176 11.62 4.21 -12.12
N PHE A 177 12.25 4.15 -10.95
CA PHE A 177 13.60 3.62 -10.72
C PHE A 177 13.53 2.32 -9.90
N THR A 178 14.06 1.28 -10.51
CA THR A 178 14.22 -0.10 -10.00
C THR A 178 13.32 -0.36 -8.81
N VAL A 179 12.14 -0.88 -9.09
CA VAL A 179 11.17 -1.10 -8.00
C VAL A 179 11.42 -2.49 -7.40
N TYR A 180 11.30 -2.61 -6.08
CA TYR A 180 11.51 -3.92 -5.43
C TYR A 180 10.45 -4.08 -4.34
N GLY A 181 10.38 -5.30 -3.82
CA GLY A 181 9.46 -5.59 -2.71
C GLY A 181 8.76 -6.91 -2.96
N PRO A 182 7.83 -7.22 -2.06
CA PRO A 182 6.95 -8.36 -2.26
C PRO A 182 6.37 -8.32 -3.67
N ARG A 183 6.27 -9.47 -4.34
CA ARG A 183 5.69 -9.71 -5.70
C ARG A 183 6.67 -9.27 -6.78
N GLN A 184 7.86 -8.82 -6.41
CA GLN A 184 8.83 -8.42 -7.46
C GLN A 184 9.01 -9.51 -8.50
N ARG A 185 9.09 -9.13 -9.75
CA ARG A 185 9.18 -10.12 -10.86
C ARG A 185 10.36 -11.07 -10.59
N PRO A 186 10.25 -12.36 -10.93
CA PRO A 186 11.35 -13.32 -10.75
C PRO A 186 12.63 -13.09 -11.59
N ASP A 187 12.58 -12.22 -12.60
CA ASP A 187 13.78 -11.91 -13.41
C ASP A 187 14.59 -10.80 -12.74
N MET A 188 14.04 -10.13 -11.74
CA MET A 188 14.77 -8.98 -11.14
C MET A 188 15.79 -9.42 -10.11
N ALA A 189 16.76 -8.58 -9.83
CA ALA A 189 17.92 -8.94 -9.04
C ALA A 189 17.50 -9.43 -7.67
N PHE A 190 16.71 -8.68 -6.93
CA PHE A 190 16.50 -9.03 -5.51
C PHE A 190 15.80 -10.38 -5.43
N HIS A 191 14.83 -10.62 -6.27
CA HIS A 191 14.07 -11.88 -6.30
C HIS A 191 15.06 -13.02 -6.56
N ARG A 192 15.90 -12.87 -7.59
CA ARG A 192 16.92 -13.91 -7.91
C ARG A 192 17.86 -14.13 -6.74
N LEU A 193 18.46 -13.07 -6.21
CA LEU A 193 19.51 -13.15 -5.19
C LEU A 193 18.93 -13.76 -3.92
N ILE A 194 17.72 -13.36 -3.53
CA ILE A 194 17.14 -13.90 -2.26
C ILE A 194 16.84 -15.38 -2.48
N LYS A 195 16.30 -15.74 -3.61
CA LYS A 195 15.95 -17.13 -3.96
C LYS A 195 17.25 -17.93 -3.90
N GLN A 196 18.33 -17.45 -4.54
CA GLN A 196 19.63 -18.16 -4.52
C GLN A 196 20.10 -18.26 -3.08
N MET A 197 20.04 -17.18 -2.29
CA MET A 197 20.53 -17.22 -0.89
C MET A 197 19.73 -18.24 -0.09
N LEU A 198 18.42 -18.35 -0.28
CA LEU A 198 17.57 -19.27 0.51
C LEU A 198 17.89 -20.71 0.14
N GLU A 199 18.30 -20.93 -1.08
CA GLU A 199 18.57 -22.27 -1.66
C GLU A 199 20.04 -22.66 -1.45
N ASP A 200 20.86 -21.79 -0.84
CA ASP A 200 22.30 -22.08 -0.62
C ASP A 200 22.96 -22.27 -1.98
N LYS A 201 22.52 -21.52 -3.00
CA LYS A 201 23.12 -21.53 -4.34
C LYS A 201 23.99 -20.28 -4.48
N PRO A 202 25.03 -20.31 -5.34
CA PRO A 202 25.85 -19.13 -5.57
C PRO A 202 24.94 -17.99 -6.02
N LEU A 203 25.27 -16.79 -5.55
CA LEU A 203 24.55 -15.56 -5.97
C LEU A 203 25.11 -15.13 -7.32
N THR A 204 24.25 -14.94 -8.31
CA THR A 204 24.67 -14.53 -9.66
C THR A 204 24.84 -13.02 -9.65
N ILE A 205 26.07 -12.53 -9.81
CA ILE A 205 26.32 -11.07 -9.80
C ILE A 205 26.80 -10.72 -11.20
N PHE A 206 26.15 -9.77 -11.87
CA PHE A 206 26.58 -9.35 -13.23
C PHE A 206 27.62 -8.26 -13.05
N GLY A 207 28.81 -8.49 -13.58
CA GLY A 207 29.93 -7.58 -13.36
C GLY A 207 30.40 -7.68 -11.94
N ASP A 208 30.90 -6.61 -11.35
CA ASP A 208 31.61 -6.73 -10.06
C ASP A 208 30.65 -6.42 -8.88
N GLY A 209 29.37 -6.15 -9.14
CA GLY A 209 28.44 -5.90 -8.03
C GLY A 209 28.51 -4.49 -7.49
N THR A 210 29.42 -3.64 -8.00
CA THR A 210 29.54 -2.27 -7.47
C THR A 210 28.56 -1.31 -8.16
N GLN A 211 27.87 -1.78 -9.18
CA GLN A 211 26.80 -1.01 -9.85
C GLN A 211 25.76 -0.61 -8.78
N THR A 212 25.18 0.57 -8.92
CA THR A 212 24.23 1.09 -7.91
C THR A 212 22.93 1.39 -8.63
N ARG A 213 21.88 1.33 -7.85
CA ARG A 213 20.56 1.72 -8.32
C ARG A 213 19.85 2.52 -7.22
N ASP A 214 18.96 3.35 -7.70
CA ASP A 214 17.99 4.08 -6.84
C ASP A 214 16.79 3.17 -6.63
N PHE A 215 16.97 2.19 -5.79
CA PHE A 215 15.93 1.17 -5.59
C PHE A 215 14.72 1.80 -4.91
N THR A 216 13.56 1.55 -5.47
CA THR A 216 12.29 2.15 -5.03
C THR A 216 11.43 1.04 -4.42
N TYR A 217 11.16 1.13 -3.14
CA TYR A 217 10.28 0.13 -2.50
C TYR A 217 8.88 0.28 -3.08
N ILE A 218 8.24 -0.86 -3.31
CA ILE A 218 6.95 -0.90 -4.02
C ILE A 218 5.93 0.02 -3.35
N ASP A 219 5.81 0.05 -2.02
CA ASP A 219 4.82 0.94 -1.35
C ASP A 219 5.16 2.41 -1.62
N ASP A 220 6.41 2.78 -1.77
CA ASP A 220 6.78 4.16 -2.12
C ASP A 220 6.31 4.45 -3.54
N CYS A 221 6.70 3.58 -4.45
CA CYS A 221 6.29 3.64 -5.87
C CYS A 221 4.77 3.87 -5.95
N ILE A 222 3.98 3.05 -5.26
CA ILE A 222 2.51 3.10 -5.37
C ILE A 222 1.98 4.40 -4.73
N ARG A 223 2.56 4.88 -3.63
CA ARG A 223 2.13 6.17 -3.03
C ARG A 223 2.40 7.31 -4.02
N GLY A 224 3.55 7.29 -4.72
CA GLY A 224 3.78 8.33 -5.74
C GLY A 224 2.79 8.22 -6.89
N THR A 225 2.51 6.99 -7.29
CA THR A 225 1.67 6.73 -8.45
C THR A 225 0.22 7.19 -8.15
N VAL A 226 -0.32 6.85 -6.99
CA VAL A 226 -1.65 7.31 -6.56
C VAL A 226 -1.62 8.83 -6.42
N ALA A 227 -0.54 9.41 -5.95
CA ALA A 227 -0.45 10.88 -5.81
C ALA A 227 -0.59 11.55 -7.18
N ALA A 228 -0.12 10.93 -8.26
CA ALA A 228 -0.32 11.49 -9.62
C ALA A 228 -1.80 11.67 -9.94
N LEU A 229 -2.66 10.76 -9.49
CA LEU A 229 -4.11 10.90 -9.65
C LEU A 229 -4.63 11.96 -8.69
N GLU A 230 -4.20 11.93 -7.43
CA GLU A 230 -4.88 12.69 -6.35
C GLU A 230 -4.32 14.09 -6.10
N THR A 231 -3.20 14.45 -6.70
CA THR A 231 -2.59 15.77 -6.42
C THR A 231 -3.58 16.86 -6.85
N LYS A 232 -3.52 17.99 -6.16
CA LYS A 232 -4.29 19.21 -6.55
C LYS A 232 -3.53 20.03 -7.60
N LYS A 233 -2.25 19.74 -7.82
CA LYS A 233 -1.41 20.51 -8.76
C LYS A 233 -1.79 20.11 -10.19
N ASN A 234 -1.70 21.02 -11.15
CA ASN A 234 -1.85 20.68 -12.58
C ASN A 234 -0.52 20.07 -13.01
N ILE A 235 -0.52 18.77 -13.32
CA ILE A 235 0.69 18.01 -13.71
C ILE A 235 0.60 17.50 -15.15
N ILE A 236 -0.38 17.96 -15.90
CA ILE A 236 -0.56 17.46 -17.28
C ILE A 236 0.66 17.89 -18.10
N GLY A 237 1.19 16.97 -18.88
CA GLY A 237 2.35 17.13 -19.77
C GLY A 237 3.67 16.90 -19.07
N GLU A 238 3.69 16.69 -17.74
CA GLU A 238 4.92 16.63 -16.93
C GLU A 238 5.52 15.21 -16.95
N VAL A 239 6.82 15.13 -17.01
CA VAL A 239 7.58 13.89 -16.73
C VAL A 239 8.08 13.98 -15.30
N ILE A 240 7.88 12.94 -14.49
CA ILE A 240 8.17 12.95 -13.05
C ILE A 240 8.94 11.67 -12.70
N ASN A 241 10.15 11.80 -12.22
CA ASN A 241 10.91 10.65 -11.64
C ASN A 241 10.27 10.22 -10.31
N ILE A 242 10.12 8.92 -10.13
CA ILE A 242 9.68 8.28 -8.86
C ILE A 242 10.81 7.34 -8.43
N GLY A 243 11.59 7.75 -7.43
CA GLY A 243 12.77 7.03 -6.94
C GLY A 243 12.69 6.76 -5.48
N GLY A 244 13.71 6.08 -4.99
CA GLY A 244 13.64 5.45 -3.68
C GLY A 244 14.27 6.27 -2.61
N LYS A 245 14.20 5.72 -1.41
CA LYS A 245 14.76 6.41 -0.22
C LYS A 245 16.29 6.36 -0.21
N GLU A 246 16.88 5.25 -0.64
CA GLU A 246 18.31 4.93 -0.38
C GLU A 246 18.88 4.25 -1.62
N GLN A 247 19.98 4.77 -2.14
CA GLN A 247 20.70 4.18 -3.29
C GLN A 247 21.66 3.16 -2.71
N ALA A 248 21.91 2.08 -3.42
CA ALA A 248 22.86 1.07 -2.91
C ALA A 248 23.49 0.31 -4.07
N SER A 249 24.63 -0.33 -3.81
CA SER A 249 25.22 -1.28 -4.79
C SER A 249 24.58 -2.66 -4.62
N ILE A 250 24.85 -3.56 -5.56
CA ILE A 250 24.43 -4.95 -5.43
C ILE A 250 25.22 -5.60 -4.29
N LEU A 251 26.49 -5.25 -4.12
CA LEU A 251 27.27 -5.81 -3.00
C LEU A 251 26.68 -5.34 -1.66
N ASP A 252 26.25 -4.09 -1.58
CA ASP A 252 25.67 -3.52 -0.34
C ASP A 252 24.41 -4.32 -0.02
N ILE A 253 23.56 -4.58 -1.02
CA ILE A 253 22.28 -5.31 -0.86
C ILE A 253 22.60 -6.70 -0.33
N ILE A 254 23.55 -7.40 -0.97
CA ILE A 254 23.89 -8.76 -0.55
C ILE A 254 24.28 -8.71 0.93
N SER A 255 25.08 -7.75 1.39
CA SER A 255 25.46 -7.66 2.82
C SER A 255 24.22 -7.49 3.70
N MET A 256 23.29 -6.67 3.28
CA MET A 256 22.08 -6.44 4.07
C MET A 256 21.29 -7.73 4.10
N LEU A 257 21.26 -8.50 3.02
CA LEU A 257 20.48 -9.75 2.96
C LEU A 257 21.17 -10.79 3.85
N GLU A 258 22.49 -10.82 3.85
CA GLU A 258 23.24 -11.73 4.76
C GLU A 258 22.86 -11.41 6.21
N LYS A 259 22.78 -10.14 6.56
CA LYS A 259 22.44 -9.79 7.98
C LYS A 259 20.99 -10.24 8.26
N ILE A 260 20.07 -10.11 7.31
CA ILE A 260 18.65 -10.51 7.48
C ILE A 260 18.50 -12.02 7.58
N SER A 261 19.21 -12.75 6.72
CA SER A 261 19.05 -14.22 6.58
C SER A 261 19.89 -14.99 7.61
N GLY A 262 20.99 -14.43 8.08
CA GLY A 262 22.02 -15.17 8.81
C GLY A 262 22.81 -16.12 7.91
N LYS A 263 22.65 -16.01 6.58
CA LYS A 263 23.40 -16.84 5.61
C LYS A 263 24.74 -16.16 5.28
N SER A 264 25.72 -16.97 4.88
CA SER A 264 27.01 -16.49 4.30
C SER A 264 26.97 -16.91 2.84
N ALA A 265 26.69 -15.99 1.92
CA ALA A 265 26.42 -16.31 0.49
C ALA A 265 27.73 -16.53 -0.28
N THR A 266 27.72 -17.49 -1.19
CA THR A 266 28.79 -17.68 -2.21
C THR A 266 28.46 -16.75 -3.37
N LYS A 267 29.46 -16.04 -3.89
CA LYS A 267 29.25 -15.13 -5.05
C LYS A 267 29.73 -15.80 -6.31
N ASN A 268 28.90 -15.72 -7.34
CA ASN A 268 29.26 -16.12 -8.71
C ASN A 268 29.30 -14.86 -9.56
N PHE A 269 30.48 -14.29 -9.79
CA PHE A 269 30.63 -13.09 -10.61
C PHE A 269 30.62 -13.46 -12.09
N LEU A 270 29.60 -13.02 -12.80
CA LEU A 270 29.46 -13.31 -14.23
C LEU A 270 29.81 -12.08 -15.03
N LYS A 271 30.02 -12.28 -16.30
CA LYS A 271 30.36 -11.19 -17.24
C LYS A 271 29.23 -10.16 -17.17
N SER A 272 29.60 -8.88 -17.12
CA SER A 272 28.59 -7.82 -17.16
C SER A 272 27.80 -8.00 -18.47
N VAL A 273 26.55 -7.59 -18.43
CA VAL A 273 25.53 -7.75 -19.51
C VAL A 273 25.51 -6.42 -20.25
N PRO A 274 25.47 -6.42 -21.60
CA PRO A 274 25.28 -5.16 -22.32
C PRO A 274 23.94 -4.51 -22.00
N GLY A 275 23.91 -3.19 -22.10
CA GLY A 275 22.63 -2.47 -21.97
C GLY A 275 22.40 -1.89 -20.60
N GLU A 276 23.26 -2.17 -19.63
CA GLU A 276 22.93 -1.77 -18.23
C GLU A 276 23.85 -0.65 -17.82
N PRO A 277 23.32 0.45 -17.25
CA PRO A 277 24.17 1.49 -16.71
C PRO A 277 24.85 1.05 -15.40
N LYS A 278 25.98 1.69 -15.09
CA LYS A 278 26.74 1.44 -13.84
C LYS A 278 25.98 2.03 -12.65
N GLN A 279 25.21 3.07 -12.88
CA GLN A 279 24.54 3.80 -11.78
C GLN A 279 23.18 4.31 -12.28
N THR A 280 22.17 4.28 -11.42
CA THR A 280 20.95 5.10 -11.55
C THR A 280 20.80 5.86 -10.23
N TRP A 281 20.36 7.09 -10.34
CA TRP A 281 20.19 7.99 -9.19
C TRP A 281 19.18 9.05 -9.61
N ALA A 282 17.97 9.00 -9.08
CA ALA A 282 16.91 9.97 -9.45
C ALA A 282 17.09 11.26 -8.66
N ASP A 283 16.89 12.40 -9.33
CA ASP A 283 16.49 13.63 -8.65
C ASP A 283 14.95 13.54 -8.56
N ILE A 284 14.44 13.41 -7.35
CA ILE A 284 12.99 13.28 -7.12
C ILE A 284 12.45 14.63 -6.61
N SER A 285 13.18 15.73 -6.77
CA SER A 285 12.66 17.08 -6.38
C SER A 285 11.35 17.47 -7.05
N LYS A 286 11.18 17.16 -8.33
CA LYS A 286 9.94 17.53 -9.02
C LYS A 286 8.78 16.75 -8.40
N ALA A 287 8.95 15.46 -8.09
CA ALA A 287 7.86 14.67 -7.49
C ALA A 287 7.48 15.25 -6.12
N SER A 288 8.47 15.73 -5.36
CA SER A 288 8.21 16.41 -4.08
C SER A 288 7.29 17.63 -4.31
N THR A 289 7.63 18.47 -5.26
CA THR A 289 6.88 19.71 -5.59
C THR A 289 5.47 19.35 -6.06
N LEU A 290 5.33 18.46 -7.03
CA LEU A 290 4.03 18.25 -7.71
C LEU A 290 3.15 17.24 -7.01
N LEU A 291 3.75 16.26 -6.30
CA LEU A 291 2.99 15.11 -5.76
C LEU A 291 3.12 15.05 -4.25
N GLN A 292 3.90 15.91 -3.60
CA GLN A 292 4.24 15.75 -2.19
C GLN A 292 4.82 14.35 -1.96
N TYR A 293 5.56 13.85 -2.96
CA TYR A 293 6.22 12.54 -2.85
C TYR A 293 7.41 12.61 -1.92
N SER A 294 7.51 11.64 -1.05
CA SER A 294 8.70 11.48 -0.21
C SER A 294 8.80 10.00 0.12
N PRO A 295 9.83 9.27 -0.39
CA PRO A 295 9.92 7.84 -0.11
C PRO A 295 10.29 7.68 1.36
N THR A 296 9.64 6.77 2.05
CA THR A 296 9.81 6.57 3.51
C THR A 296 10.35 5.19 3.86
N VAL A 297 10.45 4.25 2.92
CA VAL A 297 10.82 2.88 3.34
C VAL A 297 12.32 2.67 3.13
N SER A 298 13.05 2.33 4.20
CA SER A 298 14.50 2.06 4.13
C SER A 298 14.72 0.74 3.43
N LEU A 299 15.89 0.57 2.87
CA LEU A 299 16.29 -0.72 2.27
C LEU A 299 16.19 -1.84 3.29
N SER A 300 16.60 -1.64 4.55
CA SER A 300 16.56 -2.79 5.49
C SER A 300 15.11 -3.22 5.69
N ASP A 301 14.19 -2.27 5.86
CA ASP A 301 12.76 -2.62 6.04
C ASP A 301 12.24 -3.27 4.75
N GLY A 302 12.55 -2.71 3.57
CA GLY A 302 12.02 -3.22 2.28
C GLY A 302 12.58 -4.59 1.95
N LEU A 303 13.86 -4.83 2.24
CA LEU A 303 14.50 -6.16 2.02
C LEU A 303 13.97 -7.20 3.01
N GLU A 304 13.61 -6.78 4.21
CA GLU A 304 12.96 -7.72 5.16
C GLU A 304 11.66 -8.23 4.56
N ALA A 305 10.87 -7.33 3.99
CA ALA A 305 9.56 -7.67 3.42
C ALA A 305 9.81 -8.60 2.26
N GLU A 306 10.70 -8.22 1.33
CA GLU A 306 10.91 -9.07 0.15
C GLU A 306 11.46 -10.42 0.59
N TYR A 307 12.38 -10.49 1.54
CA TYR A 307 12.96 -11.74 2.05
C TYR A 307 11.78 -12.63 2.50
N ASP A 308 10.89 -12.07 3.32
CA ASP A 308 9.77 -12.91 3.88
C ASP A 308 8.87 -13.36 2.74
N TYR A 309 8.61 -12.51 1.74
CA TYR A 309 7.72 -12.86 0.61
C TYR A 309 8.34 -14.00 -0.20
N ILE A 310 9.65 -13.95 -0.45
CA ILE A 310 10.34 -14.97 -1.32
C ILE A 310 10.42 -16.28 -0.50
N LYS A 311 10.73 -16.17 0.78
CA LYS A 311 10.87 -17.36 1.64
C LYS A 311 9.55 -18.13 1.57
N GLN A 312 8.44 -17.43 1.68
CA GLN A 312 7.08 -18.04 1.63
C GLN A 312 6.77 -18.56 0.22
N LEU A 313 7.12 -17.82 -0.83
CA LEU A 313 6.86 -18.25 -2.23
C LEU A 313 7.53 -19.58 -2.55
N TYR A 314 8.73 -19.88 -2.05
CA TYR A 314 9.48 -21.09 -2.46
C TYR A 314 9.49 -22.12 -1.32
N LYS A 315 8.71 -21.90 -0.27
CA LYS A 315 8.73 -22.74 0.98
C LYS A 315 8.52 -24.20 0.60
N MET B 1 15.14 -22.80 20.23
CA MET B 1 14.02 -21.98 20.70
C MET B 1 13.00 -22.90 21.39
N LYS B 2 12.70 -22.59 22.63
CA LYS B 2 11.71 -23.33 23.43
C LYS B 2 10.44 -22.48 23.49
N ILE B 3 9.34 -23.06 23.05
CA ILE B 3 8.07 -22.33 22.83
C ILE B 3 6.98 -22.92 23.73
N LEU B 4 6.39 -22.08 24.56
CA LEU B 4 5.19 -22.46 25.31
C LEU B 4 3.96 -22.12 24.50
N VAL B 5 3.09 -23.09 24.31
CA VAL B 5 1.79 -22.88 23.67
C VAL B 5 0.71 -23.14 24.74
N THR B 6 -0.01 -22.12 25.14
CA THR B 6 -1.20 -22.33 26.02
C THR B 6 -2.39 -22.72 25.15
N GLY B 7 -3.30 -23.52 25.70
CA GLY B 7 -4.43 -24.06 24.98
C GLY B 7 -4.02 -24.99 23.87
N ALA B 8 -2.94 -25.73 24.08
CA ALA B 8 -2.31 -26.63 23.11
C ALA B 8 -3.21 -27.78 22.67
N ALA B 9 -4.21 -28.22 23.47
CA ALA B 9 -5.08 -29.36 23.09
C ALA B 9 -6.30 -28.87 22.32
N GLY B 10 -6.46 -27.56 22.24
CA GLY B 10 -7.63 -26.98 21.58
C GLY B 10 -7.52 -27.03 20.07
N PHE B 11 -8.53 -26.45 19.43
CA PHE B 11 -8.68 -26.43 17.96
C PHE B 11 -7.42 -25.82 17.36
N ILE B 12 -7.21 -24.53 17.65
CA ILE B 12 -6.11 -23.81 16.97
C ILE B 12 -4.75 -24.21 17.56
N GLY B 13 -4.69 -24.40 18.88
CA GLY B 13 -3.42 -24.71 19.55
C GLY B 13 -2.87 -26.05 19.10
N SER B 14 -3.73 -27.05 18.87
CA SER B 14 -3.24 -28.37 18.46
C SER B 14 -2.57 -28.27 17.08
N HIS B 15 -3.18 -27.49 16.18
CA HIS B 15 -2.59 -27.27 14.83
C HIS B 15 -1.29 -26.46 14.93
N LEU B 16 -1.27 -25.46 15.79
CA LEU B 16 -0.04 -24.66 15.98
C LEU B 16 1.11 -25.53 16.49
N CYS B 17 0.87 -26.36 17.49
CA CYS B 17 1.96 -27.23 18.02
C CYS B 17 2.43 -28.13 16.86
N GLN B 18 1.51 -28.68 16.11
CA GLN B 18 1.87 -29.59 15.00
C GLN B 18 2.75 -28.84 13.99
N ALA B 19 2.41 -27.59 13.66
CA ALA B 19 3.18 -26.81 12.67
C ALA B 19 4.56 -26.44 13.22
N LEU B 20 4.64 -26.01 14.47
CA LEU B 20 5.92 -25.64 15.08
C LEU B 20 6.86 -26.86 15.11
N LEU B 21 6.33 -28.03 15.42
CA LEU B 21 7.18 -29.24 15.60
C LEU B 21 7.75 -29.71 14.24
N LYS B 22 7.25 -29.21 13.12
CA LYS B 22 7.88 -29.51 11.79
C LYS B 22 9.27 -28.86 11.68
N ASN B 23 9.56 -27.83 12.46
CA ASN B 23 10.86 -27.14 12.51
C ASN B 23 11.72 -27.75 13.61
N SER B 24 12.89 -28.29 13.27
CA SER B 24 13.72 -29.02 14.26
C SER B 24 14.40 -28.03 15.21
N ALA B 25 14.44 -26.75 14.86
CA ALA B 25 14.98 -25.69 15.74
C ALA B 25 14.08 -25.52 16.97
N TYR B 26 12.83 -26.02 16.95
CA TYR B 26 11.87 -25.74 18.02
C TYR B 26 11.61 -26.96 18.91
N HIS B 27 11.56 -26.65 20.19
CA HIS B 27 11.06 -27.52 21.28
C HIS B 27 9.80 -26.84 21.80
N VAL B 28 8.71 -27.58 21.92
CA VAL B 28 7.40 -27.00 22.27
C VAL B 28 6.95 -27.62 23.60
N VAL B 29 6.43 -26.78 24.46
CA VAL B 29 5.70 -27.17 25.68
C VAL B 29 4.27 -26.71 25.50
N GLY B 30 3.33 -27.65 25.56
CA GLY B 30 1.92 -27.30 25.50
C GLY B 30 1.31 -27.38 26.87
N ILE B 31 0.44 -26.44 27.24
CA ILE B 31 -0.32 -26.53 28.50
C ILE B 31 -1.80 -26.42 28.16
N ASP B 32 -2.62 -27.35 28.67
CA ASP B 32 -4.06 -27.36 28.42
C ASP B 32 -4.74 -28.16 29.52
N HIS B 33 -5.75 -27.60 30.14
CA HIS B 33 -6.47 -28.25 31.28
C HIS B 33 -7.73 -28.96 30.80
N PHE B 34 -7.96 -29.01 29.49
CA PHE B 34 -9.17 -29.65 28.92
C PHE B 34 -10.47 -29.07 29.50
N ILE B 35 -10.67 -27.76 29.36
CA ILE B 35 -11.90 -27.09 29.81
C ILE B 35 -12.52 -26.39 28.60
N GLY B 36 -13.54 -25.60 28.86
CA GLY B 36 -14.29 -24.90 27.80
C GLY B 36 -15.25 -25.82 27.06
N PRO B 37 -15.73 -25.37 25.89
CA PRO B 37 -16.92 -26.01 25.29
C PRO B 37 -16.67 -27.39 24.69
N THR B 38 -15.44 -27.70 24.29
CA THR B 38 -15.14 -29.01 23.64
C THR B 38 -14.89 -30.09 24.69
N PRO B 39 -15.63 -31.19 24.65
CA PRO B 39 -15.37 -32.32 25.53
C PRO B 39 -13.94 -32.87 25.45
N ALA B 40 -13.33 -33.19 26.60
CA ALA B 40 -11.94 -33.65 26.68
C ALA B 40 -11.70 -34.83 25.75
N THR B 41 -12.69 -35.72 25.61
CA THR B 41 -12.50 -36.95 24.82
C THR B 41 -12.15 -36.61 23.36
N LEU B 42 -12.58 -35.44 22.83
CA LEU B 42 -12.24 -35.04 21.43
C LEU B 42 -10.79 -34.52 21.36
N LYS B 43 -10.13 -34.21 22.48
CA LYS B 43 -8.83 -33.50 22.44
C LYS B 43 -7.67 -34.44 22.74
N THR B 44 -7.92 -35.55 23.42
CA THR B 44 -6.82 -36.36 24.02
C THR B 44 -5.98 -36.98 22.91
N GLY B 45 -6.57 -37.28 21.75
CA GLY B 45 -5.93 -38.05 20.66
C GLY B 45 -4.83 -37.25 19.97
N ASN B 46 -5.13 -35.97 19.65
CA ASN B 46 -4.16 -34.96 19.14
C ASN B 46 -2.98 -34.85 20.11
N ILE B 47 -3.26 -34.72 21.39
CA ILE B 47 -2.16 -34.62 22.39
C ILE B 47 -1.31 -35.90 22.36
N GLN B 48 -1.92 -37.10 22.41
CA GLN B 48 -1.14 -38.37 22.38
C GLN B 48 -0.25 -38.42 21.12
N SER B 49 -0.76 -38.05 19.94
CA SER B 49 -0.02 -37.91 18.64
C SER B 49 1.17 -36.94 18.76
N LEU B 50 0.95 -35.70 19.21
CA LEU B 50 2.06 -34.73 19.47
C LEU B 50 3.06 -35.33 20.46
N GLU B 51 2.60 -36.03 21.49
CA GLU B 51 3.52 -36.58 22.54
C GLU B 51 4.44 -37.68 21.97
N LEU B 52 4.12 -38.25 20.80
CA LEU B 52 5.08 -39.16 20.11
C LEU B 52 6.33 -38.38 19.72
N ASN B 53 6.22 -37.06 19.55
CA ASN B 53 7.38 -36.21 19.19
C ASN B 53 8.26 -35.98 20.42
N SER B 54 9.57 -36.25 20.32
CA SER B 54 10.50 -36.09 21.48
C SER B 54 10.69 -34.60 21.80
N ARG B 55 10.34 -33.72 20.87
CA ARG B 55 10.51 -32.25 21.09
C ARG B 55 9.22 -31.62 21.65
N PHE B 56 8.21 -32.43 22.02
CA PHE B 56 6.95 -31.93 22.61
C PHE B 56 6.82 -32.40 24.06
N GLN B 57 6.47 -31.47 24.95
CA GLN B 57 6.16 -31.81 26.36
C GLN B 57 4.77 -31.24 26.64
N PHE B 58 3.93 -32.03 27.27
CA PHE B 58 2.56 -31.62 27.51
C PHE B 58 2.34 -31.51 29.01
N ILE B 59 1.66 -30.46 29.42
CA ILE B 59 1.27 -30.20 30.83
C ILE B 59 -0.25 -30.03 30.86
N ARG B 60 -0.94 -30.74 31.74
CA ARG B 60 -2.43 -30.76 31.72
C ARG B 60 -3.03 -29.95 32.87
N GLU B 61 -2.22 -29.14 33.55
CA GLU B 61 -2.62 -28.31 34.69
C GLU B 61 -3.37 -27.07 34.21
N ASP B 62 -4.25 -26.56 35.05
CA ASP B 62 -4.84 -25.21 34.85
C ASP B 62 -3.73 -24.18 35.01
N ILE B 63 -3.68 -23.22 34.07
CA ILE B 63 -2.70 -22.13 34.17
C ILE B 63 -2.77 -21.44 35.54
N LEU B 64 -3.96 -21.34 36.10
CA LEU B 64 -4.16 -20.59 37.37
C LEU B 64 -3.69 -21.40 38.59
N ASN B 65 -3.46 -22.69 38.41
CA ASN B 65 -2.94 -23.57 39.51
C ASN B 65 -1.47 -23.93 39.36
N THR B 66 -0.89 -23.82 38.18
CA THR B 66 0.47 -24.27 37.93
C THR B 66 1.48 -23.23 38.46
N ASP B 67 2.69 -23.72 38.74
CA ASP B 67 3.85 -22.90 39.11
C ASP B 67 4.41 -22.30 37.83
N LEU B 68 4.03 -21.06 37.59
CA LEU B 68 4.34 -20.43 36.29
C LEU B 68 5.83 -20.09 36.22
N SER B 69 6.49 -19.84 37.35
CA SER B 69 7.95 -19.61 37.33
C SER B 69 8.64 -20.89 36.86
N LYS B 70 8.18 -22.07 37.29
CA LYS B 70 8.71 -23.36 36.78
C LYS B 70 8.36 -23.54 35.31
N LEU B 71 7.15 -23.23 34.89
CA LEU B 71 6.68 -23.55 33.52
C LEU B 71 7.49 -22.72 32.52
N LEU B 72 7.85 -21.51 32.93
CA LEU B 72 8.44 -20.50 32.01
C LEU B 72 9.96 -20.47 32.09
N GLN B 73 10.57 -21.34 32.90
CA GLN B 73 12.00 -21.31 33.28
C GLN B 73 12.90 -21.15 32.04
N ASP B 74 12.71 -21.97 31.01
CA ASP B 74 13.66 -21.98 29.85
C ASP B 74 12.92 -21.57 28.56
N ILE B 75 11.80 -20.88 28.69
CA ILE B 75 10.95 -20.47 27.54
C ILE B 75 11.47 -19.19 26.90
N ASP B 76 11.50 -19.20 25.56
CA ASP B 76 11.90 -18.07 24.68
C ASP B 76 10.66 -17.40 24.07
N VAL B 77 9.59 -18.13 23.85
CA VAL B 77 8.43 -17.61 23.11
C VAL B 77 7.19 -18.18 23.78
N VAL B 78 6.24 -17.33 24.04
CA VAL B 78 4.87 -17.75 24.52
C VAL B 78 3.90 -17.48 23.38
N TYR B 79 3.13 -18.50 23.03
CA TYR B 79 1.89 -18.37 22.24
C TYR B 79 0.73 -18.56 23.22
N HIS B 80 -0.05 -17.53 23.46
CA HIS B 80 -1.15 -17.59 24.44
C HIS B 80 -2.49 -17.70 23.72
N LEU B 81 -2.97 -18.92 23.59
CA LEU B 81 -4.27 -19.26 22.96
C LEU B 81 -5.31 -19.71 23.99
N ALA B 82 -4.91 -20.07 25.21
CA ALA B 82 -5.87 -20.57 26.20
C ALA B 82 -6.91 -19.49 26.48
N ALA B 83 -8.16 -19.86 26.39
CA ALA B 83 -9.33 -18.99 26.62
C ALA B 83 -10.58 -19.84 26.67
N ILE B 84 -11.65 -19.20 27.10
CA ILE B 84 -13.01 -19.72 26.90
C ILE B 84 -13.60 -18.89 25.79
N PRO B 85 -13.86 -19.54 24.65
CA PRO B 85 -14.35 -18.85 23.47
C PRO B 85 -15.86 -18.98 23.47
N GLY B 86 -16.50 -18.27 22.55
CA GLY B 86 -17.93 -18.47 22.24
C GLY B 86 -18.68 -17.20 22.60
N VAL B 87 -19.06 -16.43 21.58
CA VAL B 87 -19.93 -15.24 21.74
C VAL B 87 -21.23 -15.65 22.42
N ARG B 88 -21.87 -16.71 21.95
CA ARG B 88 -23.31 -16.91 22.22
C ARG B 88 -23.56 -17.31 23.67
N THR B 89 -22.61 -17.91 24.35
CA THR B 89 -22.77 -18.48 25.72
C THR B 89 -22.01 -17.65 26.75
N SER B 90 -21.84 -16.35 26.52
CA SER B 90 -21.07 -15.43 27.41
C SER B 90 -22.00 -14.53 28.24
N TRP B 91 -23.31 -14.75 28.20
CA TRP B 91 -24.32 -13.92 28.94
C TRP B 91 -24.62 -14.45 30.35
N GLY B 92 -25.17 -13.59 31.22
CA GLY B 92 -25.74 -14.02 32.53
C GLY B 92 -24.76 -14.81 33.37
N LYS B 93 -25.20 -15.96 33.86
CA LYS B 93 -24.49 -16.84 34.81
C LYS B 93 -23.28 -17.49 34.13
N ASP B 94 -23.17 -17.41 32.83
CA ASP B 94 -22.12 -18.11 32.05
C ASP B 94 -20.91 -17.18 31.92
N PHE B 95 -21.02 -15.92 32.35
CA PHE B 95 -19.95 -14.92 32.14
C PHE B 95 -18.69 -15.21 32.99
N GLN B 96 -18.84 -15.67 34.25
CA GLN B 96 -17.71 -15.81 35.21
C GLN B 96 -16.54 -16.58 34.60
N PRO B 97 -16.73 -17.76 33.98
CA PRO B 97 -15.60 -18.49 33.38
C PRO B 97 -14.84 -17.71 32.29
N TYR B 98 -15.50 -16.79 31.60
CA TYR B 98 -14.81 -15.95 30.61
C TYR B 98 -13.91 -14.97 31.34
N VAL B 99 -14.37 -14.41 32.44
CA VAL B 99 -13.50 -13.49 33.20
C VAL B 99 -12.31 -14.27 33.77
N THR B 100 -12.56 -15.42 34.39
CA THR B 100 -11.50 -16.18 35.01
C THR B 100 -10.45 -16.52 33.96
N ASN B 101 -10.88 -17.13 32.87
CA ASN B 101 -9.94 -17.77 31.91
C ASN B 101 -9.43 -16.81 30.85
N ASN B 102 -10.12 -15.71 30.62
CA ASN B 102 -9.67 -14.82 29.54
C ASN B 102 -8.93 -13.62 30.15
N ILE B 103 -9.27 -13.25 31.39
CA ILE B 103 -8.66 -12.06 32.02
C ILE B 103 -7.66 -12.51 33.09
N MET B 104 -8.11 -13.29 34.07
CA MET B 104 -7.17 -13.66 35.16
C MET B 104 -6.01 -14.51 34.60
N VAL B 105 -6.28 -15.45 33.72
CA VAL B 105 -5.22 -16.28 33.10
C VAL B 105 -4.19 -15.40 32.41
N THR B 106 -4.64 -14.42 31.65
CA THR B 106 -3.71 -13.54 30.92
C THR B 106 -2.86 -12.74 31.91
N GLN B 107 -3.51 -12.22 32.93
CA GLN B 107 -2.78 -11.38 33.93
C GLN B 107 -1.72 -12.27 34.61
N GLN B 108 -2.06 -13.48 35.01
CA GLN B 108 -1.12 -14.35 35.76
C GLN B 108 0.05 -14.74 34.86
N LEU B 109 -0.20 -15.06 33.59
CA LEU B 109 0.88 -15.36 32.62
C LEU B 109 1.78 -14.13 32.46
N LEU B 110 1.21 -12.95 32.26
CA LEU B 110 2.04 -11.74 32.06
C LEU B 110 2.84 -11.46 33.32
N GLU B 111 2.26 -11.62 34.53
CA GLU B 111 3.01 -11.42 35.78
C GLU B 111 4.22 -12.39 35.80
N ALA B 112 4.05 -13.64 35.37
CA ALA B 112 5.16 -14.62 35.41
C ALA B 112 6.22 -14.31 34.35
N CYS B 113 5.89 -13.58 33.31
CA CYS B 113 6.80 -13.22 32.18
C CYS B 113 7.51 -11.89 32.44
N LYS B 114 7.09 -11.13 33.46
CA LYS B 114 7.57 -9.75 33.78
C LYS B 114 9.09 -9.69 33.78
N HIS B 115 9.72 -10.68 34.39
CA HIS B 115 11.15 -10.57 34.71
C HIS B 115 11.93 -11.69 34.02
N ILE B 116 11.35 -12.34 33.00
CA ILE B 116 12.10 -13.37 32.23
C ILE B 116 12.38 -12.84 30.83
N LYS B 117 13.44 -13.34 30.22
CA LYS B 117 13.83 -12.93 28.85
C LYS B 117 13.04 -13.77 27.86
N LEU B 118 12.17 -13.12 27.13
CA LEU B 118 11.36 -13.70 26.03
C LEU B 118 11.77 -12.99 24.76
N ASP B 119 11.74 -13.72 23.67
CA ASP B 119 11.80 -13.14 22.32
C ASP B 119 10.45 -12.51 22.02
N LYS B 120 9.34 -13.21 22.30
CA LYS B 120 7.99 -12.79 21.89
C LYS B 120 6.93 -13.40 22.80
N PHE B 121 5.92 -12.60 23.12
CA PHE B 121 4.69 -13.06 23.82
C PHE B 121 3.58 -12.81 22.82
N ILE B 122 3.15 -13.85 22.11
CA ILE B 122 2.18 -13.71 21.01
C ILE B 122 0.83 -14.09 21.59
N HIS B 123 -0.01 -13.10 21.74
CA HIS B 123 -1.33 -13.17 22.42
C HIS B 123 -2.42 -13.27 21.39
N ILE B 124 -3.22 -14.34 21.41
CA ILE B 124 -4.27 -14.53 20.38
C ILE B 124 -5.59 -13.96 20.92
N SER B 125 -6.12 -13.02 20.15
CA SER B 125 -7.38 -12.32 20.39
C SER B 125 -8.34 -12.61 19.22
N THR B 126 -9.38 -11.78 19.05
CA THR B 126 -10.55 -12.16 18.27
C THR B 126 -11.09 -10.90 17.59
N SER B 127 -11.70 -11.12 16.43
CA SER B 127 -12.54 -10.13 15.75
C SER B 127 -13.67 -9.67 16.68
N SER B 128 -14.09 -10.44 17.67
CA SER B 128 -15.22 -10.07 18.57
C SER B 128 -14.89 -8.83 19.40
N VAL B 129 -13.64 -8.35 19.42
CA VAL B 129 -13.35 -7.07 20.11
C VAL B 129 -13.95 -5.90 19.35
N TYR B 130 -14.19 -6.02 18.06
CA TYR B 130 -14.59 -4.86 17.24
C TYR B 130 -16.07 -4.57 17.40
N GLY B 131 -16.90 -5.59 17.53
CA GLY B 131 -18.36 -5.34 17.55
C GLY B 131 -18.84 -5.11 16.14
N GLU B 132 -19.53 -3.99 15.86
CA GLU B 132 -20.25 -3.80 14.57
C GLU B 132 -19.73 -2.58 13.81
N LYS B 133 -19.30 -2.82 12.57
CA LYS B 133 -18.71 -1.83 11.64
C LYS B 133 -19.13 -2.25 10.24
N SER B 134 -19.50 -1.30 9.38
CA SER B 134 -19.60 -1.53 7.92
C SER B 134 -18.18 -1.42 7.36
N GLY B 135 -17.80 -2.31 6.43
CA GLY B 135 -16.48 -2.27 5.77
C GLY B 135 -15.45 -3.14 6.47
N ALA B 136 -14.24 -3.18 5.90
CA ALA B 136 -13.08 -3.97 6.40
C ALA B 136 -12.54 -3.26 7.64
N VAL B 137 -12.42 -3.96 8.76
CA VAL B 137 -12.02 -3.31 10.03
C VAL B 137 -10.50 -3.32 10.13
N SER B 138 -9.91 -2.16 10.34
CA SER B 138 -8.46 -2.03 10.60
C SER B 138 -8.21 -2.00 12.12
N GLU B 139 -6.95 -2.27 12.46
CA GLU B 139 -6.50 -2.39 13.87
C GLU B 139 -6.44 -1.04 14.58
N ASP B 140 -6.56 0.08 13.87
CA ASP B 140 -6.51 1.41 14.53
C ASP B 140 -7.93 1.84 14.93
N LEU B 141 -8.95 1.02 14.68
CA LEU B 141 -10.37 1.36 14.94
C LEU B 141 -10.58 1.23 16.43
N LEU B 142 -11.28 2.17 17.04
CA LEU B 142 -11.63 2.09 18.47
C LEU B 142 -12.54 0.88 18.63
N PRO B 143 -12.10 -0.15 19.40
CA PRO B 143 -12.89 -1.37 19.51
C PRO B 143 -14.00 -1.21 20.55
N ILE B 144 -15.23 -1.50 20.17
CA ILE B 144 -16.37 -1.51 21.14
C ILE B 144 -17.10 -2.83 21.01
N PRO B 145 -16.72 -3.84 21.80
CA PRO B 145 -17.34 -5.14 21.67
C PRO B 145 -18.86 -5.16 21.82
N LEU B 146 -19.48 -6.14 21.18
CA LEU B 146 -20.94 -6.30 21.15
C LEU B 146 -21.33 -7.40 22.12
N SER B 147 -20.37 -8.16 22.65
CA SER B 147 -20.67 -9.30 23.52
C SER B 147 -19.79 -9.26 24.76
N PRO B 148 -20.23 -9.87 25.87
CA PRO B 148 -19.39 -10.07 27.08
C PRO B 148 -18.11 -10.84 26.73
N TYR B 149 -18.18 -11.86 25.86
CA TYR B 149 -16.97 -12.56 25.37
C TYR B 149 -15.97 -11.57 24.81
N GLY B 150 -16.41 -10.68 23.93
CA GLY B 150 -15.51 -9.72 23.30
C GLY B 150 -14.89 -8.80 24.34
N VAL B 151 -15.68 -8.38 25.32
CA VAL B 151 -15.17 -7.54 26.43
C VAL B 151 -14.00 -8.25 27.11
N THR B 152 -14.15 -9.53 27.42
CA THR B 152 -13.12 -10.25 28.15
C THR B 152 -11.86 -10.37 27.28
N LYS B 153 -12.01 -10.65 25.98
CA LYS B 153 -10.84 -10.75 25.08
C LYS B 153 -10.17 -9.39 24.95
N LEU B 154 -10.96 -8.33 24.82
CA LEU B 154 -10.37 -6.98 24.73
C LEU B 154 -9.62 -6.64 26.02
N SER B 155 -10.10 -7.06 27.19
CA SER B 155 -9.43 -6.84 28.50
C SER B 155 -8.07 -7.57 28.50
N GLY B 156 -8.03 -8.76 27.89
CA GLY B 156 -6.80 -9.54 27.70
C GLY B 156 -5.78 -8.75 26.89
N GLU B 157 -6.19 -8.17 25.79
CA GLU B 157 -5.33 -7.35 24.95
C GLU B 157 -4.82 -6.16 25.73
N HIS B 158 -5.72 -5.53 26.48
CA HIS B 158 -5.29 -4.35 27.27
C HIS B 158 -4.28 -4.74 28.34
N LEU B 159 -4.41 -5.89 28.95
CA LEU B 159 -3.40 -6.37 29.90
C LEU B 159 -2.06 -6.52 29.20
N CYS B 160 -2.05 -7.06 27.99
CA CYS B 160 -0.81 -7.17 27.22
C CYS B 160 -0.14 -5.81 27.09
N HIS B 161 -0.91 -4.80 26.70
CA HIS B 161 -0.34 -3.45 26.53
C HIS B 161 0.20 -2.95 27.87
N VAL B 162 -0.50 -3.19 28.98
CA VAL B 162 -0.01 -2.72 30.31
C VAL B 162 1.37 -3.33 30.61
N TYR B 163 1.55 -4.62 30.40
CA TYR B 163 2.79 -5.29 30.81
C TYR B 163 3.90 -4.99 29.80
N HIS B 164 3.54 -4.75 28.56
CA HIS B 164 4.49 -4.32 27.50
C HIS B 164 5.03 -2.94 27.88
N LYS B 165 4.16 -2.00 28.19
CA LYS B 165 4.58 -0.62 28.49
C LYS B 165 5.39 -0.58 29.79
N ASN B 166 5.01 -1.30 30.82
CA ASN B 166 5.61 -1.14 32.17
C ASN B 166 6.83 -2.06 32.31
N PHE B 167 6.83 -3.25 31.71
CA PHE B 167 7.92 -4.24 31.97
C PHE B 167 8.62 -4.70 30.68
N HIS B 168 8.27 -4.16 29.51
CA HIS B 168 8.90 -4.46 28.21
C HIS B 168 8.70 -5.94 27.86
N ILE B 169 7.58 -6.51 28.27
CA ILE B 169 7.23 -7.84 27.71
C ILE B 169 6.98 -7.66 26.22
N PRO B 170 7.64 -8.45 25.33
CA PRO B 170 7.61 -8.22 23.88
C PRO B 170 6.35 -8.81 23.22
N ILE B 171 5.26 -8.12 23.42
CA ILE B 171 3.91 -8.60 23.02
C ILE B 171 3.69 -8.40 21.52
N VAL B 172 2.93 -9.32 20.95
CA VAL B 172 2.31 -9.20 19.62
C VAL B 172 0.87 -9.65 19.84
N ILE B 173 -0.11 -8.93 19.34
CA ILE B 173 -1.52 -9.38 19.42
C ILE B 173 -2.00 -9.76 18.02
N LEU B 174 -2.58 -10.93 17.87
CA LEU B 174 -3.21 -11.39 16.62
C LEU B 174 -4.71 -11.44 16.85
N ARG B 175 -5.49 -10.82 15.99
CA ARG B 175 -6.95 -10.92 16.06
C ARG B 175 -7.41 -11.88 14.98
N TYR B 176 -7.76 -13.08 15.39
CA TYR B 176 -8.33 -14.06 14.48
C TYR B 176 -9.78 -13.74 14.13
N PHE B 177 -10.13 -14.02 12.88
CA PHE B 177 -11.51 -13.96 12.36
C PHE B 177 -12.00 -15.35 11.95
N THR B 178 -13.03 -15.78 12.61
CA THR B 178 -13.77 -17.06 12.51
C THR B 178 -12.95 -18.16 11.81
N VAL B 179 -12.26 -18.93 12.60
CA VAL B 179 -11.36 -19.98 12.04
C VAL B 179 -12.15 -21.28 11.89
N TYR B 180 -11.93 -22.02 10.79
CA TYR B 180 -12.64 -23.27 10.53
C TYR B 180 -11.66 -24.26 9.90
N GLY B 181 -12.08 -25.49 9.82
CA GLY B 181 -11.24 -26.57 9.31
C GLY B 181 -11.35 -27.83 10.12
N PRO B 182 -10.56 -28.85 9.73
CA PRO B 182 -10.40 -30.03 10.60
C PRO B 182 -10.12 -29.61 12.06
N ARG B 183 -10.73 -30.30 13.01
CA ARG B 183 -10.61 -30.15 14.48
C ARG B 183 -11.39 -28.92 14.95
N GLN B 184 -12.13 -28.24 14.07
CA GLN B 184 -12.92 -27.09 14.55
C GLN B 184 -13.77 -27.51 15.77
N ARG B 185 -13.88 -26.64 16.76
CA ARG B 185 -14.69 -26.94 17.97
C ARG B 185 -16.10 -27.37 17.61
N PRO B 186 -16.71 -28.29 18.37
CA PRO B 186 -18.08 -28.74 18.13
C PRO B 186 -19.20 -27.71 18.37
N ASP B 187 -18.90 -26.58 18.98
CA ASP B 187 -19.91 -25.52 19.19
C ASP B 187 -19.93 -24.56 18.01
N MET B 188 -18.95 -24.63 17.09
CA MET B 188 -18.89 -23.64 16.01
C MET B 188 -19.81 -24.07 14.87
N ALA B 189 -20.12 -23.12 14.01
CA ALA B 189 -21.20 -23.28 13.03
C ALA B 189 -20.85 -24.42 12.07
N PHE B 190 -19.67 -24.45 11.47
CA PHE B 190 -19.48 -25.47 10.40
C PHE B 190 -19.50 -26.86 11.01
N HIS B 191 -18.92 -27.05 12.20
CA HIS B 191 -18.93 -28.38 12.83
C HIS B 191 -20.38 -28.82 13.04
N ARG B 192 -21.19 -27.95 13.64
CA ARG B 192 -22.63 -28.23 13.91
C ARG B 192 -23.36 -28.57 12.60
N LEU B 193 -23.22 -27.71 11.60
CA LEU B 193 -24.00 -27.86 10.33
C LEU B 193 -23.57 -29.12 9.57
N ILE B 194 -22.29 -29.44 9.57
CA ILE B 194 -21.77 -30.66 8.91
C ILE B 194 -22.26 -31.88 9.67
N LYS B 195 -22.22 -31.84 10.99
CA LYS B 195 -22.65 -33.00 11.79
C LYS B 195 -24.15 -33.22 11.51
N GLN B 196 -24.94 -32.15 11.45
CA GLN B 196 -26.41 -32.23 11.20
C GLN B 196 -26.62 -32.86 9.80
N MET B 197 -25.89 -32.38 8.81
CA MET B 197 -26.03 -32.88 7.44
C MET B 197 -25.64 -34.36 7.39
N LEU B 198 -24.56 -34.76 8.06
CA LEU B 198 -24.14 -36.19 8.09
C LEU B 198 -25.25 -37.04 8.72
N GLU B 199 -25.93 -36.54 9.75
CA GLU B 199 -26.92 -37.34 10.49
C GLU B 199 -28.34 -37.16 9.91
N ASP B 200 -28.49 -36.44 8.79
CA ASP B 200 -29.80 -36.21 8.14
C ASP B 200 -30.73 -35.48 9.12
N LYS B 201 -30.16 -34.57 9.92
CA LYS B 201 -30.90 -33.73 10.89
C LYS B 201 -31.09 -32.34 10.32
N PRO B 202 -32.11 -31.58 10.74
CA PRO B 202 -32.27 -30.22 10.25
C PRO B 202 -31.04 -29.40 10.62
N LEU B 203 -30.66 -28.51 9.71
CA LEU B 203 -29.50 -27.62 9.94
C LEU B 203 -29.99 -26.44 10.77
N THR B 204 -29.32 -26.13 11.88
CA THR B 204 -29.77 -25.04 12.78
C THR B 204 -29.18 -23.72 12.30
N ILE B 205 -30.01 -22.76 11.89
CA ILE B 205 -29.55 -21.44 11.43
C ILE B 205 -29.99 -20.40 12.47
N PHE B 206 -29.09 -19.60 12.98
CA PHE B 206 -29.40 -18.56 13.99
C PHE B 206 -29.66 -17.29 13.21
N GLY B 207 -30.85 -16.71 13.35
CA GLY B 207 -31.24 -15.56 12.53
C GLY B 207 -31.65 -16.03 11.14
N ASP B 208 -31.51 -15.20 10.12
CA ASP B 208 -32.00 -15.56 8.76
C ASP B 208 -30.88 -16.19 7.92
N GLY B 209 -29.68 -16.38 8.49
CA GLY B 209 -28.56 -17.03 7.76
C GLY B 209 -27.85 -16.10 6.80
N THR B 210 -28.24 -14.82 6.69
CA THR B 210 -27.60 -13.89 5.74
C THR B 210 -26.39 -13.24 6.37
N GLN B 211 -26.16 -13.44 7.67
CA GLN B 211 -24.96 -12.93 8.36
C GLN B 211 -23.73 -13.49 7.63
N THR B 212 -22.68 -12.72 7.55
CA THR B 212 -21.42 -13.10 6.87
C THR B 212 -20.28 -13.10 7.88
N ARG B 213 -19.29 -13.93 7.60
CA ARG B 213 -18.03 -13.93 8.35
C ARG B 213 -16.85 -13.97 7.39
N ASP B 214 -15.76 -13.39 7.83
CA ASP B 214 -14.43 -13.57 7.21
C ASP B 214 -13.88 -14.91 7.70
N PHE B 215 -14.34 -15.99 7.13
CA PHE B 215 -13.93 -17.36 7.52
C PHE B 215 -12.47 -17.60 7.15
N THR B 216 -11.68 -18.01 8.14
CA THR B 216 -10.23 -18.19 7.99
C THR B 216 -9.95 -19.66 8.09
N TYR B 217 -9.47 -20.26 7.03
CA TYR B 217 -9.13 -21.70 7.09
C TYR B 217 -7.95 -21.85 8.04
N ILE B 218 -8.00 -22.92 8.81
CA ILE B 218 -6.99 -23.18 9.88
C ILE B 218 -5.55 -23.08 9.36
N ASP B 219 -5.24 -23.63 8.18
CA ASP B 219 -3.82 -23.61 7.70
C ASP B 219 -3.37 -22.17 7.42
N ASP B 220 -4.29 -21.34 6.90
CA ASP B 220 -4.02 -19.90 6.69
C ASP B 220 -3.73 -19.23 8.05
N CYS B 221 -4.62 -19.44 9.01
CA CYS B 221 -4.47 -18.94 10.41
C CYS B 221 -3.09 -19.32 10.98
N ILE B 222 -2.76 -20.58 10.87
CA ILE B 222 -1.48 -21.08 11.41
C ILE B 222 -0.29 -20.49 10.64
N ARG B 223 -0.36 -20.38 9.31
CA ARG B 223 0.74 -19.70 8.58
C ARG B 223 0.93 -18.26 9.06
N GLY B 224 -0.15 -17.49 9.28
CA GLY B 224 -0.01 -16.14 9.84
C GLY B 224 0.59 -16.16 11.23
N THR B 225 0.14 -17.12 12.04
CA THR B 225 0.51 -17.22 13.45
C THR B 225 2.02 -17.58 13.59
N VAL B 226 2.51 -18.49 12.76
CA VAL B 226 3.95 -18.85 12.69
C VAL B 226 4.73 -17.65 12.14
N ALA B 227 4.21 -16.95 11.16
CA ALA B 227 4.91 -15.75 10.63
C ALA B 227 5.06 -14.69 11.72
N ALA B 228 4.15 -14.61 12.69
CA ALA B 228 4.28 -13.59 13.76
C ALA B 228 5.54 -13.89 14.59
N LEU B 229 5.95 -15.15 14.70
CA LEU B 229 7.23 -15.54 15.33
C LEU B 229 8.41 -15.28 14.37
N GLU B 230 8.30 -15.72 13.12
CA GLU B 230 9.48 -15.89 12.24
C GLU B 230 9.75 -14.64 11.41
N THR B 231 8.82 -13.69 11.35
CA THR B 231 9.00 -12.51 10.48
C THR B 231 10.36 -11.87 10.77
N LYS B 232 10.95 -11.33 9.72
CA LYS B 232 12.22 -10.59 9.83
C LYS B 232 11.94 -9.15 10.24
N LYS B 233 10.68 -8.70 10.22
CA LYS B 233 10.29 -7.36 10.68
C LYS B 233 10.15 -7.34 12.20
N ASN B 234 10.42 -6.19 12.78
CA ASN B 234 10.15 -5.90 14.21
C ASN B 234 8.67 -5.55 14.36
N ILE B 235 7.86 -6.44 14.92
CA ILE B 235 6.39 -6.24 15.07
C ILE B 235 6.01 -6.19 16.54
N ILE B 236 6.95 -5.99 17.44
CA ILE B 236 6.65 -5.91 18.90
C ILE B 236 5.69 -4.75 19.17
N GLY B 237 4.63 -5.02 19.93
CA GLY B 237 3.59 -4.04 20.29
C GLY B 237 2.49 -3.90 19.24
N GLU B 238 2.53 -4.63 18.11
CA GLU B 238 1.55 -4.48 17.01
C GLU B 238 0.34 -5.37 17.27
N VAL B 239 -0.83 -4.86 16.95
CA VAL B 239 -2.07 -5.66 16.84
C VAL B 239 -2.30 -5.90 15.36
N ILE B 240 -2.56 -7.16 14.98
CA ILE B 240 -2.59 -7.62 13.57
C ILE B 240 -3.83 -8.48 13.36
N ASN B 241 -4.69 -8.06 12.50
CA ASN B 241 -5.83 -8.91 12.06
C ASN B 241 -5.32 -10.09 11.24
N ILE B 242 -5.87 -11.28 11.46
CA ILE B 242 -5.65 -12.49 10.61
C ILE B 242 -7.01 -12.93 10.09
N GLY B 243 -7.24 -12.68 8.80
CA GLY B 243 -8.51 -12.99 8.15
C GLY B 243 -8.35 -14.00 7.04
N GLY B 244 -9.46 -14.33 6.40
CA GLY B 244 -9.58 -15.47 5.47
C GLY B 244 -9.56 -15.04 4.03
N LYS B 245 -9.61 -16.04 3.17
CA LYS B 245 -9.53 -15.85 1.71
C LYS B 245 -10.79 -15.20 1.18
N GLU B 246 -11.96 -15.66 1.61
CA GLU B 246 -13.28 -15.37 1.01
C GLU B 246 -14.31 -15.23 2.14
N GLN B 247 -15.09 -14.16 2.13
CA GLN B 247 -16.26 -14.03 3.03
C GLN B 247 -17.44 -14.80 2.46
N ALA B 248 -18.37 -15.21 3.30
CA ALA B 248 -19.57 -15.95 2.89
C ALA B 248 -20.62 -15.80 3.98
N SER B 249 -21.88 -15.93 3.57
CA SER B 249 -23.02 -15.99 4.50
C SER B 249 -23.19 -17.43 4.95
N ILE B 250 -23.96 -17.64 6.02
CA ILE B 250 -24.29 -19.02 6.44
C ILE B 250 -25.14 -19.72 5.37
N LEU B 251 -26.00 -19.00 4.63
CA LEU B 251 -26.79 -19.66 3.54
C LEU B 251 -25.84 -20.08 2.43
N ASP B 252 -24.88 -19.24 2.07
CA ASP B 252 -23.82 -19.55 1.07
C ASP B 252 -23.11 -20.85 1.49
N ILE B 253 -22.69 -20.92 2.76
CA ILE B 253 -21.96 -22.10 3.30
C ILE B 253 -22.86 -23.33 3.18
N ILE B 254 -24.13 -23.25 3.56
CA ILE B 254 -25.05 -24.41 3.50
C ILE B 254 -25.15 -24.85 2.03
N SER B 255 -25.20 -23.91 1.11
CA SER B 255 -25.27 -24.28 -0.34
C SER B 255 -24.04 -25.10 -0.70
N MET B 256 -22.87 -24.70 -0.21
CA MET B 256 -21.60 -25.40 -0.52
C MET B 256 -21.61 -26.78 0.13
N LEU B 257 -22.19 -26.92 1.32
CA LEU B 257 -22.26 -28.20 2.05
C LEU B 257 -23.17 -29.15 1.27
N GLU B 258 -24.27 -28.65 0.73
CA GLU B 258 -25.23 -29.43 -0.09
C GLU B 258 -24.49 -30.00 -1.32
N LYS B 259 -23.64 -29.20 -1.95
CA LYS B 259 -22.83 -29.66 -3.12
C LYS B 259 -21.86 -30.75 -2.68
N ILE B 260 -21.25 -30.61 -1.51
CA ILE B 260 -20.26 -31.62 -1.04
C ILE B 260 -20.98 -32.92 -0.73
N SER B 261 -22.08 -32.85 0.01
CA SER B 261 -22.80 -34.03 0.53
C SER B 261 -23.72 -34.63 -0.55
N GLY B 262 -24.03 -33.85 -1.58
CA GLY B 262 -25.00 -34.21 -2.65
C GLY B 262 -26.39 -34.42 -2.11
N LYS B 263 -26.72 -33.76 -0.99
CA LYS B 263 -28.02 -33.88 -0.28
C LYS B 263 -28.57 -32.48 -0.12
N SER B 264 -29.87 -32.28 -0.25
CA SER B 264 -30.57 -31.02 0.13
C SER B 264 -30.66 -30.95 1.65
N ALA B 265 -30.45 -29.78 2.23
CA ALA B 265 -30.58 -29.58 3.69
C ALA B 265 -32.02 -29.18 4.02
N THR B 266 -32.57 -29.75 5.07
CA THR B 266 -33.73 -29.19 5.82
C THR B 266 -33.18 -28.07 6.71
N LYS B 267 -33.70 -26.88 6.60
CA LYS B 267 -33.23 -25.71 7.38
C LYS B 267 -34.18 -25.50 8.56
N ASN B 268 -33.63 -25.38 9.77
CA ASN B 268 -34.37 -25.03 11.02
C ASN B 268 -33.91 -23.62 11.41
N PHE B 269 -34.68 -22.59 11.09
CA PHE B 269 -34.34 -21.21 11.49
C PHE B 269 -34.71 -21.02 12.97
N LEU B 270 -33.76 -20.49 13.74
CA LEU B 270 -33.94 -20.16 15.17
C LEU B 270 -33.67 -18.67 15.38
N LYS B 271 -34.08 -18.15 16.53
CA LYS B 271 -33.86 -16.75 16.96
C LYS B 271 -32.37 -16.42 16.83
N SER B 272 -32.03 -15.22 16.38
CA SER B 272 -30.64 -14.70 16.39
C SER B 272 -30.17 -14.63 17.86
N VAL B 273 -28.87 -14.64 18.08
CA VAL B 273 -28.31 -14.61 19.45
C VAL B 273 -27.73 -13.23 19.70
N PRO B 274 -28.09 -12.58 20.82
CA PRO B 274 -27.56 -11.24 21.09
C PRO B 274 -26.04 -11.33 21.20
N GLY B 275 -25.37 -10.28 20.78
CA GLY B 275 -23.92 -10.14 20.89
C GLY B 275 -23.22 -10.48 19.60
N GLU B 276 -23.92 -11.09 18.63
CA GLU B 276 -23.30 -11.53 17.37
C GLU B 276 -23.42 -10.41 16.36
N PRO B 277 -22.34 -10.00 15.67
CA PRO B 277 -22.43 -8.99 14.63
C PRO B 277 -23.07 -9.60 13.36
N LYS B 278 -23.58 -8.72 12.50
CA LYS B 278 -24.21 -9.13 11.21
C LYS B 278 -23.12 -9.54 10.22
N GLN B 279 -21.96 -8.90 10.29
CA GLN B 279 -20.86 -9.14 9.33
C GLN B 279 -19.53 -8.99 10.06
N THR B 280 -18.56 -9.82 9.70
CA THR B 280 -17.14 -9.53 10.02
C THR B 280 -16.35 -9.48 8.72
N TRP B 281 -15.32 -8.65 8.70
CA TRP B 281 -14.47 -8.43 7.52
C TRP B 281 -13.17 -7.75 7.96
N ALA B 282 -12.07 -8.50 7.96
CA ALA B 282 -10.76 -8.01 8.37
C ALA B 282 -10.16 -7.20 7.23
N ASP B 283 -9.71 -6.00 7.55
CA ASP B 283 -8.67 -5.34 6.73
C ASP B 283 -7.35 -6.04 7.06
N ILE B 284 -6.77 -6.78 6.11
CA ILE B 284 -5.50 -7.51 6.38
C ILE B 284 -4.28 -6.81 5.76
N SER B 285 -4.35 -5.50 5.52
CA SER B 285 -3.20 -4.70 5.03
C SER B 285 -2.02 -4.78 5.98
N LYS B 286 -2.27 -4.73 7.30
CA LYS B 286 -1.14 -4.75 8.24
C LYS B 286 -0.49 -6.14 8.19
N ALA B 287 -1.29 -7.21 8.16
CA ALA B 287 -0.71 -8.55 8.18
C ALA B 287 0.10 -8.72 6.88
N SER B 288 -0.42 -8.24 5.77
CA SER B 288 0.27 -8.35 4.46
C SER B 288 1.61 -7.61 4.54
N THR B 289 1.62 -6.38 5.07
CA THR B 289 2.81 -5.50 5.24
C THR B 289 3.82 -6.09 6.22
N LEU B 290 3.38 -6.54 7.41
CA LEU B 290 4.32 -6.96 8.47
C LEU B 290 4.67 -8.45 8.33
N LEU B 291 3.77 -9.29 7.86
CA LEU B 291 4.01 -10.75 7.89
C LEU B 291 4.08 -11.35 6.49
N GLN B 292 3.76 -10.61 5.41
CA GLN B 292 3.56 -11.16 4.05
C GLN B 292 2.43 -12.18 4.11
N TYR B 293 1.44 -11.93 4.96
CA TYR B 293 0.31 -12.84 5.13
C TYR B 293 -0.61 -12.74 3.92
N SER B 294 -0.94 -13.88 3.37
CA SER B 294 -1.91 -13.99 2.26
C SER B 294 -2.64 -15.32 2.39
N PRO B 295 -3.95 -15.31 2.74
CA PRO B 295 -4.70 -16.57 2.85
C PRO B 295 -4.93 -17.17 1.45
N THR B 296 -4.68 -18.47 1.33
CA THR B 296 -4.65 -19.16 0.02
C THR B 296 -5.71 -20.25 -0.08
N VAL B 297 -6.36 -20.66 1.02
CA VAL B 297 -7.30 -21.78 0.92
C VAL B 297 -8.73 -21.30 0.62
N SER B 298 -9.32 -21.81 -0.49
CA SER B 298 -10.70 -21.50 -0.90
C SER B 298 -11.69 -22.17 0.07
N LEU B 299 -12.84 -21.56 0.24
CA LEU B 299 -13.94 -22.15 1.09
C LEU B 299 -14.32 -23.53 0.57
N SER B 300 -14.42 -23.73 -0.73
CA SER B 300 -14.81 -25.07 -1.21
C SER B 300 -13.78 -26.09 -0.72
N ASP B 301 -12.48 -25.80 -0.80
CA ASP B 301 -11.43 -26.75 -0.40
C ASP B 301 -11.43 -26.91 1.12
N GLY B 302 -11.50 -25.80 1.83
CA GLY B 302 -11.49 -25.83 3.31
C GLY B 302 -12.70 -26.58 3.85
N LEU B 303 -13.90 -26.35 3.30
CA LEU B 303 -15.12 -27.04 3.78
C LEU B 303 -15.05 -28.53 3.48
N GLU B 304 -14.44 -28.91 2.36
CA GLU B 304 -14.31 -30.35 2.05
C GLU B 304 -13.42 -30.97 3.10
N ALA B 305 -12.34 -30.30 3.46
CA ALA B 305 -11.40 -30.85 4.44
C ALA B 305 -12.19 -31.01 5.74
N GLU B 306 -12.90 -29.95 6.17
CA GLU B 306 -13.66 -30.07 7.45
C GLU B 306 -14.73 -31.18 7.34
N TYR B 307 -15.43 -31.30 6.22
CA TYR B 307 -16.48 -32.33 6.04
C TYR B 307 -15.82 -33.69 6.22
N ASP B 308 -14.69 -33.92 5.55
CA ASP B 308 -13.97 -35.21 5.65
C ASP B 308 -13.62 -35.47 7.12
N TYR B 309 -13.12 -34.43 7.81
CA TYR B 309 -12.71 -34.56 9.22
C TYR B 309 -13.90 -35.00 10.05
N ILE B 310 -15.04 -34.33 9.92
CA ILE B 310 -16.23 -34.56 10.80
C ILE B 310 -16.76 -35.96 10.48
N LYS B 311 -16.80 -36.32 9.21
CA LYS B 311 -17.29 -37.66 8.82
C LYS B 311 -16.44 -38.73 9.49
N GLN B 312 -15.11 -38.60 9.45
CA GLN B 312 -14.20 -39.59 10.07
C GLN B 312 -14.35 -39.54 11.59
N LEU B 313 -14.58 -38.36 12.18
CA LEU B 313 -14.66 -38.21 13.65
C LEU B 313 -15.84 -39.03 14.17
N TYR B 314 -17.01 -38.98 13.53
CA TYR B 314 -18.27 -39.57 14.06
C TYR B 314 -18.58 -40.92 13.41
N LYS B 315 -17.81 -41.34 12.39
CA LYS B 315 -17.95 -42.69 11.77
N MET C 1 36.37 -0.16 -52.05
CA MET C 1 35.46 -0.22 -50.87
C MET C 1 34.09 -0.70 -51.32
N LYS C 2 33.44 -1.55 -50.52
CA LYS C 2 32.11 -2.07 -50.88
C LYS C 2 31.09 -1.44 -49.92
N ILE C 3 30.09 -0.81 -50.50
CA ILE C 3 29.08 -0.02 -49.75
C ILE C 3 27.70 -0.64 -49.93
N LEU C 4 26.99 -0.84 -48.82
CA LEU C 4 25.59 -1.30 -48.87
C LEU C 4 24.73 -0.06 -48.69
N VAL C 5 23.82 0.18 -49.61
CA VAL C 5 22.79 1.25 -49.53
C VAL C 5 21.44 0.59 -49.37
N THR C 6 20.80 0.79 -48.20
CA THR C 6 19.43 0.29 -48.04
C THR C 6 18.48 1.39 -48.55
N GLY C 7 17.36 0.99 -49.10
CA GLY C 7 16.45 1.96 -49.72
C GLY C 7 17.06 2.53 -50.98
N ALA C 8 17.84 1.72 -51.71
CA ALA C 8 18.60 2.14 -52.90
C ALA C 8 17.69 2.55 -54.05
N ALA C 9 16.45 2.08 -54.11
CA ALA C 9 15.56 2.40 -55.25
C ALA C 9 14.73 3.66 -54.97
N GLY C 10 14.81 4.20 -53.73
CA GLY C 10 14.05 5.37 -53.32
C GLY C 10 14.57 6.68 -53.91
N PHE C 11 13.97 7.75 -53.49
CA PHE C 11 14.29 9.11 -53.97
C PHE C 11 15.76 9.38 -53.66
N ILE C 12 16.11 9.39 -52.38
CA ILE C 12 17.48 9.80 -51.95
C ILE C 12 18.47 8.66 -52.25
N GLY C 13 18.07 7.41 -52.04
CA GLY C 13 18.97 6.26 -52.15
C GLY C 13 19.50 6.11 -53.56
N SER C 14 18.63 6.35 -54.54
CA SER C 14 18.99 6.12 -55.98
C SER C 14 20.03 7.18 -56.37
N HIS C 15 19.84 8.39 -55.89
CA HIS C 15 20.82 9.49 -56.11
C HIS C 15 22.15 9.21 -55.40
N LEU C 16 22.08 8.63 -54.20
CA LEU C 16 23.32 8.33 -53.47
C LEU C 16 24.12 7.27 -54.24
N CYS C 17 23.45 6.21 -54.63
CA CYS C 17 24.12 5.12 -55.39
C CYS C 17 24.75 5.72 -56.64
N GLN C 18 24.03 6.57 -57.33
CA GLN C 18 24.55 7.22 -58.56
C GLN C 18 25.84 7.99 -58.20
N ALA C 19 25.83 8.75 -57.11
CA ALA C 19 26.99 9.58 -56.71
C ALA C 19 28.18 8.67 -56.35
N LEU C 20 27.96 7.62 -55.57
CA LEU C 20 29.03 6.70 -55.13
C LEU C 20 29.67 5.99 -56.34
N LEU C 21 28.88 5.59 -57.32
CA LEU C 21 29.37 4.82 -58.50
C LEU C 21 30.29 5.68 -59.37
N LYS C 22 30.24 7.00 -59.22
CA LYS C 22 31.18 7.88 -59.97
C LYS C 22 32.62 7.66 -59.49
N ASN C 23 32.81 7.14 -58.29
CA ASN C 23 34.17 6.83 -57.78
C ASN C 23 34.53 5.43 -58.26
N SER C 24 35.58 5.31 -59.08
CA SER C 24 35.97 4.06 -59.74
C SER C 24 36.34 3.02 -58.68
N ALA C 25 36.71 3.45 -57.47
CA ALA C 25 37.12 2.56 -56.37
C ALA C 25 35.89 1.98 -55.64
N TYR C 26 34.69 2.50 -55.82
CA TYR C 26 33.56 2.04 -54.96
C TYR C 26 32.73 0.97 -55.65
N HIS C 27 32.40 -0.08 -54.91
CA HIS C 27 31.42 -1.11 -55.33
C HIS C 27 30.18 -0.91 -54.46
N VAL C 28 29.00 -0.95 -55.04
CA VAL C 28 27.73 -0.62 -54.32
C VAL C 28 26.77 -1.80 -54.44
N VAL C 29 26.15 -2.15 -53.33
CA VAL C 29 25.06 -3.14 -53.27
C VAL C 29 23.85 -2.36 -52.81
N GLY C 30 22.78 -2.34 -53.62
CA GLY C 30 21.52 -1.69 -53.23
C GLY C 30 20.55 -2.75 -52.79
N ILE C 31 19.76 -2.48 -51.74
CA ILE C 31 18.66 -3.39 -51.35
C ILE C 31 17.42 -2.55 -51.22
N ASP C 32 16.33 -3.01 -51.80
CA ASP C 32 15.07 -2.26 -51.74
C ASP C 32 13.92 -3.21 -52.01
N HIS C 33 12.88 -3.10 -51.21
CA HIS C 33 11.67 -3.97 -51.26
C HIS C 33 10.52 -3.33 -52.05
N PHE C 34 10.71 -2.14 -52.61
CA PHE C 34 9.67 -1.40 -53.37
C PHE C 34 8.36 -1.25 -52.58
N ILE C 35 8.44 -0.64 -51.39
CA ILE C 35 7.25 -0.34 -50.57
C ILE C 35 7.28 1.14 -50.23
N GLY C 36 6.38 1.56 -49.36
CA GLY C 36 6.23 2.96 -49.01
C GLY C 36 5.42 3.72 -50.07
N PRO C 37 5.41 5.04 -49.99
CA PRO C 37 4.41 5.84 -50.71
C PRO C 37 4.61 5.93 -52.22
N THR C 38 5.80 5.60 -52.73
CA THR C 38 6.13 5.73 -54.17
C THR C 38 5.78 4.43 -54.88
N PRO C 39 4.86 4.43 -55.88
CA PRO C 39 4.62 3.25 -56.70
C PRO C 39 5.90 2.64 -57.30
N ALA C 40 5.99 1.31 -57.27
CA ALA C 40 7.11 0.49 -57.77
C ALA C 40 7.51 0.85 -59.22
N THR C 41 6.57 1.30 -60.06
CA THR C 41 6.80 1.55 -61.51
C THR C 41 7.57 2.86 -61.73
N LEU C 42 7.62 3.71 -60.70
CA LEU C 42 8.43 4.95 -60.73
C LEU C 42 9.86 4.66 -60.27
N LYS C 43 10.12 3.49 -59.66
CA LYS C 43 11.41 3.18 -59.01
C LYS C 43 12.27 2.24 -59.86
N THR C 44 11.67 1.42 -60.72
CA THR C 44 12.35 0.27 -61.38
C THR C 44 13.34 0.75 -62.44
N GLY C 45 13.13 1.97 -62.96
CA GLY C 45 13.98 2.55 -64.02
C GLY C 45 15.33 2.94 -63.46
N ASN C 46 15.31 3.56 -62.26
CA ASN C 46 16.53 4.01 -61.54
C ASN C 46 17.39 2.77 -61.27
N ILE C 47 16.80 1.68 -60.82
CA ILE C 47 17.52 0.40 -60.58
C ILE C 47 18.13 -0.14 -61.89
N GLN C 48 17.36 -0.18 -62.99
CA GLN C 48 17.87 -0.68 -64.29
C GLN C 48 19.03 0.22 -64.77
N SER C 49 18.92 1.54 -64.67
CA SER C 49 19.99 2.53 -64.97
C SER C 49 21.27 2.35 -64.12
N LEU C 50 21.12 2.29 -62.78
CA LEU C 50 22.25 1.96 -61.88
C LEU C 50 22.84 0.61 -62.30
N GLU C 51 22.01 -0.33 -62.73
CA GLU C 51 22.44 -1.70 -63.05
C GLU C 51 23.24 -1.72 -64.36
N LEU C 52 23.28 -0.62 -65.12
CA LEU C 52 24.22 -0.54 -66.26
C LEU C 52 25.65 -0.55 -65.73
N ASN C 53 25.87 -0.11 -64.48
CA ASN C 53 27.21 -0.07 -63.87
C ASN C 53 27.61 -1.45 -63.34
N SER C 54 28.71 -2.02 -63.84
CA SER C 54 29.26 -3.34 -63.42
C SER C 54 29.55 -3.36 -61.92
N ARG C 55 29.78 -2.20 -61.30
CA ARG C 55 30.12 -2.15 -59.85
C ARG C 55 28.87 -1.97 -58.97
N PHE C 56 27.70 -2.08 -59.52
CA PHE C 56 26.41 -2.01 -58.78
C PHE C 56 25.70 -3.36 -58.84
N GLN C 57 25.27 -3.83 -57.68
CA GLN C 57 24.45 -5.05 -57.53
C GLN C 57 23.19 -4.63 -56.80
N PHE C 58 22.04 -5.06 -57.30
CA PHE C 58 20.70 -4.77 -56.72
C PHE C 58 20.07 -6.03 -56.13
N ILE C 59 19.51 -5.89 -54.94
CA ILE C 59 18.81 -7.01 -54.26
C ILE C 59 17.41 -6.51 -53.99
N ARG C 60 16.41 -7.16 -54.57
CA ARG C 60 14.99 -6.79 -54.40
C ARG C 60 14.42 -7.69 -53.32
N GLU C 61 14.55 -7.28 -52.07
CA GLU C 61 14.18 -8.14 -50.91
C GLU C 61 13.84 -7.22 -49.74
N ASP C 62 12.98 -7.69 -48.85
CA ASP C 62 12.68 -7.04 -47.56
C ASP C 62 13.87 -7.29 -46.65
N ILE C 63 14.45 -6.24 -46.09
CA ILE C 63 15.55 -6.38 -45.12
C ILE C 63 15.15 -7.34 -43.99
N LEU C 64 13.86 -7.40 -43.63
CA LEU C 64 13.37 -8.28 -42.53
C LEU C 64 13.23 -9.73 -43.00
N ASN C 65 13.34 -10.01 -44.30
CA ASN C 65 13.22 -11.38 -44.88
C ASN C 65 14.45 -11.73 -45.74
N THR C 66 15.61 -11.20 -45.36
CA THR C 66 16.89 -11.32 -46.09
C THR C 66 17.88 -12.05 -45.18
N ASP C 67 18.78 -12.88 -45.72
CA ASP C 67 19.98 -13.37 -44.95
C ASP C 67 20.97 -12.21 -44.78
N LEU C 68 20.91 -11.48 -43.65
CA LEU C 68 21.77 -10.28 -43.50
C LEU C 68 23.24 -10.65 -43.29
N SER C 69 23.55 -11.82 -42.71
CA SER C 69 24.96 -12.24 -42.53
C SER C 69 25.60 -12.39 -43.91
N LYS C 70 24.85 -12.91 -44.88
CA LYS C 70 25.34 -13.06 -46.28
C LYS C 70 25.38 -11.68 -46.95
N LEU C 71 24.34 -10.87 -46.82
CA LEU C 71 24.33 -9.51 -47.42
C LEU C 71 25.56 -8.70 -46.98
N LEU C 72 25.97 -8.78 -45.71
CA LEU C 72 26.99 -7.88 -45.12
C LEU C 72 28.42 -8.44 -45.19
N GLN C 73 28.64 -9.64 -45.73
CA GLN C 73 29.96 -10.35 -45.66
C GLN C 73 31.11 -9.42 -46.04
N ASP C 74 31.02 -8.82 -47.22
CA ASP C 74 32.15 -8.12 -47.90
C ASP C 74 31.94 -6.60 -47.78
N ILE C 75 31.02 -6.17 -46.91
CA ILE C 75 30.62 -4.74 -46.82
C ILE C 75 31.54 -4.01 -45.84
N ASP C 76 32.06 -2.85 -46.25
CA ASP C 76 32.88 -1.91 -45.46
C ASP C 76 32.03 -0.79 -44.88
N VAL C 77 31.06 -0.28 -45.62
CA VAL C 77 30.22 0.88 -45.21
C VAL C 77 28.77 0.52 -45.48
N VAL C 78 27.92 0.84 -44.50
CA VAL C 78 26.46 0.80 -44.69
C VAL C 78 25.94 2.25 -44.74
N TYR C 79 25.13 2.56 -45.73
CA TYR C 79 24.23 3.72 -45.72
C TYR C 79 22.82 3.23 -45.52
N HIS C 80 22.23 3.55 -44.38
CA HIS C 80 20.89 3.02 -44.08
C HIS C 80 19.84 4.08 -44.39
N LEU C 81 19.17 3.99 -45.54
CA LEU C 81 18.11 4.95 -45.88
C LEU C 81 16.73 4.32 -45.93
N ALA C 82 16.65 3.00 -45.88
CA ALA C 82 15.35 2.32 -45.97
C ALA C 82 14.49 2.79 -44.79
N ALA C 83 13.27 3.17 -45.07
CA ALA C 83 12.29 3.63 -44.06
C ALA C 83 10.96 3.79 -44.75
N ILE C 84 9.91 3.95 -43.97
CA ILE C 84 8.62 4.49 -44.41
C ILE C 84 8.63 5.91 -43.97
N PRO C 85 8.59 6.87 -44.93
CA PRO C 85 8.67 8.29 -44.61
C PRO C 85 7.26 8.89 -44.65
N GLY C 86 7.12 10.14 -44.25
CA GLY C 86 5.83 10.86 -44.39
C GLY C 86 5.15 11.10 -43.06
N VAL C 87 5.13 12.36 -42.63
CA VAL C 87 4.48 12.81 -41.39
C VAL C 87 3.00 12.52 -41.50
N ARG C 88 2.42 12.86 -42.65
CA ARG C 88 0.96 13.08 -42.67
C ARG C 88 0.23 11.75 -42.62
N THR C 89 0.84 10.62 -42.99
CA THR C 89 0.16 9.31 -43.13
C THR C 89 0.64 8.38 -42.04
N SER C 90 1.12 8.93 -40.92
CA SER C 90 1.70 8.12 -39.80
C SER C 90 0.70 7.99 -38.64
N TRP C 91 -0.51 8.52 -38.80
CA TRP C 91 -1.57 8.50 -37.77
C TRP C 91 -2.39 7.22 -37.84
N GLY C 92 -3.02 6.83 -36.74
CA GLY C 92 -4.03 5.77 -36.74
C GLY C 92 -3.46 4.43 -37.16
N LYS C 93 -4.25 3.66 -37.89
CA LYS C 93 -3.85 2.28 -38.29
C LYS C 93 -2.61 2.32 -39.20
N ASP C 94 -2.34 3.43 -39.88
CA ASP C 94 -1.22 3.57 -40.83
C ASP C 94 0.13 3.61 -40.10
N PHE C 95 0.11 3.69 -38.77
CA PHE C 95 1.35 3.75 -37.96
C PHE C 95 2.14 2.43 -38.07
N GLN C 96 1.45 1.29 -38.17
CA GLN C 96 2.07 -0.02 -37.95
C GLN C 96 3.30 -0.19 -38.85
N PRO C 97 3.22 0.09 -40.19
CA PRO C 97 4.39 -0.08 -41.05
C PRO C 97 5.58 0.83 -40.69
N TYR C 98 5.31 1.97 -40.09
CA TYR C 98 6.40 2.84 -39.60
C TYR C 98 7.20 2.13 -38.51
N VAL C 99 6.50 1.46 -37.62
CA VAL C 99 7.18 0.72 -36.55
C VAL C 99 8.03 -0.40 -37.13
N THR C 100 7.48 -1.25 -37.99
CA THR C 100 8.21 -2.37 -38.60
C THR C 100 9.44 -1.84 -39.34
N ASN C 101 9.24 -0.88 -40.22
CA ASN C 101 10.25 -0.57 -41.25
C ASN C 101 11.21 0.51 -40.76
N ASN C 102 10.87 1.28 -39.72
CA ASN C 102 11.77 2.34 -39.20
C ASN C 102 12.49 1.83 -37.94
N ILE C 103 11.85 0.95 -37.16
CA ILE C 103 12.45 0.50 -35.87
C ILE C 103 12.98 -0.93 -36.02
N MET C 104 12.16 -1.90 -36.45
CA MET C 104 12.60 -3.31 -36.51
C MET C 104 13.68 -3.47 -37.59
N VAL C 105 13.57 -2.77 -38.70
CA VAL C 105 14.60 -2.90 -39.78
C VAL C 105 15.95 -2.39 -39.25
N THR C 106 15.93 -1.26 -38.53
CA THR C 106 17.15 -0.64 -38.01
C THR C 106 17.78 -1.62 -36.99
N GLN C 107 16.97 -2.16 -36.09
CA GLN C 107 17.51 -3.09 -35.08
C GLN C 107 18.14 -4.32 -35.76
N GLN C 108 17.48 -4.90 -36.75
CA GLN C 108 17.95 -6.14 -37.40
C GLN C 108 19.24 -5.85 -38.16
N LEU C 109 19.34 -4.70 -38.81
CA LEU C 109 20.62 -4.34 -39.49
C LEU C 109 21.73 -4.18 -38.48
N LEU C 110 21.49 -3.44 -37.37
CA LEU C 110 22.56 -3.22 -36.39
C LEU C 110 22.95 -4.54 -35.78
N GLU C 111 22.00 -5.43 -35.51
CA GLU C 111 22.34 -6.76 -34.95
C GLU C 111 23.28 -7.49 -35.92
N ALA C 112 22.98 -7.47 -37.20
CA ALA C 112 23.82 -8.12 -38.24
C ALA C 112 25.21 -7.47 -38.34
N CYS C 113 25.36 -6.21 -37.94
CA CYS C 113 26.64 -5.48 -38.09
C CYS C 113 27.52 -5.68 -36.85
N LYS C 114 27.02 -6.30 -35.80
CA LYS C 114 27.76 -6.41 -34.50
C LYS C 114 29.19 -6.94 -34.64
N HIS C 115 29.38 -8.06 -35.33
CA HIS C 115 30.67 -8.80 -35.30
C HIS C 115 31.43 -8.68 -36.63
N ILE C 116 30.81 -8.12 -37.68
CA ILE C 116 31.55 -7.73 -38.92
C ILE C 116 32.29 -6.44 -38.57
N LYS C 117 33.24 -6.00 -39.36
CA LYS C 117 34.09 -4.86 -38.88
C LYS C 117 33.89 -3.65 -39.80
N LEU C 118 32.71 -3.07 -39.78
CA LEU C 118 32.42 -1.91 -40.67
C LEU C 118 33.40 -0.79 -40.41
N ASP C 119 33.67 0.01 -41.43
CA ASP C 119 34.32 1.32 -41.20
C ASP C 119 33.27 2.30 -40.68
N LYS C 120 32.07 2.30 -41.27
CA LYS C 120 31.00 3.26 -40.86
C LYS C 120 29.63 2.69 -41.13
N PHE C 121 28.70 3.02 -40.23
CA PHE C 121 27.25 2.78 -40.35
C PHE C 121 26.60 4.14 -40.35
N ILE C 122 26.21 4.62 -41.53
CA ILE C 122 25.70 6.00 -41.74
C ILE C 122 24.18 5.88 -41.81
N HIS C 123 23.57 6.29 -40.72
CA HIS C 123 22.12 6.17 -40.53
C HIS C 123 21.44 7.48 -40.87
N ILE C 124 20.47 7.41 -41.74
CA ILE C 124 19.78 8.62 -42.21
C ILE C 124 18.53 8.81 -41.34
N SER C 125 18.40 10.00 -40.78
CA SER C 125 17.21 10.38 -39.99
C SER C 125 16.67 11.70 -40.52
N THR C 126 15.91 12.41 -39.71
CA THR C 126 15.01 13.46 -40.22
C THR C 126 14.93 14.60 -39.22
N SER C 127 14.73 15.83 -39.73
CA SER C 127 14.34 16.99 -38.92
C SER C 127 13.05 16.72 -38.13
N SER C 128 12.24 15.75 -38.55
CA SER C 128 10.95 15.45 -37.88
C SER C 128 11.20 14.94 -36.46
N VAL C 129 12.45 14.63 -36.07
CA VAL C 129 12.68 14.22 -34.65
C VAL C 129 12.60 15.43 -33.72
N TYR C 130 12.74 16.65 -34.24
CA TYR C 130 12.82 17.85 -33.36
C TYR C 130 11.43 18.30 -32.91
N GLY C 131 10.45 18.35 -33.79
CA GLY C 131 9.23 19.14 -33.46
C GLY C 131 9.53 20.63 -33.14
N GLU C 132 8.52 21.35 -32.66
CA GLU C 132 8.39 22.81 -32.87
C GLU C 132 9.47 23.52 -32.06
N LYS C 133 10.34 24.25 -32.75
CA LYS C 133 11.39 25.10 -32.14
C LYS C 133 11.51 26.36 -33.00
N SER C 134 11.82 27.48 -32.36
CA SER C 134 12.09 28.77 -33.05
C SER C 134 13.61 28.94 -33.16
N GLY C 135 14.04 29.52 -34.27
CA GLY C 135 15.45 29.64 -34.64
C GLY C 135 15.98 28.32 -35.17
N ALA C 136 17.24 28.35 -35.56
CA ALA C 136 17.93 27.21 -36.18
C ALA C 136 18.18 26.18 -35.08
N VAL C 137 17.83 24.93 -35.34
CA VAL C 137 17.95 23.84 -34.35
C VAL C 137 19.33 23.18 -34.47
N SER C 138 19.99 23.05 -33.34
CA SER C 138 21.27 22.31 -33.27
C SER C 138 21.04 20.89 -32.72
N GLU C 139 22.00 20.03 -32.96
CA GLU C 139 21.83 18.58 -32.67
C GLU C 139 21.87 18.29 -31.16
N ASP C 140 22.22 19.24 -30.31
CA ASP C 140 22.22 18.98 -28.84
C ASP C 140 20.86 19.31 -28.22
N LEU C 141 19.91 19.83 -29.00
CA LEU C 141 18.55 20.13 -28.48
C LEU C 141 17.80 18.84 -28.15
N LEU C 142 17.10 18.83 -27.05
CA LEU C 142 16.27 17.66 -26.68
C LEU C 142 15.16 17.49 -27.69
N PRO C 143 15.13 16.36 -28.44
CA PRO C 143 14.14 16.18 -29.49
C PRO C 143 12.82 15.64 -28.93
N ILE C 144 11.76 16.35 -29.21
CA ILE C 144 10.38 15.90 -28.84
C ILE C 144 9.56 15.94 -30.11
N PRO C 145 9.50 14.80 -30.84
CA PRO C 145 8.78 14.80 -32.10
C PRO C 145 7.30 15.22 -31.97
N LEU C 146 6.77 15.79 -33.05
CA LEU C 146 5.35 16.19 -33.12
C LEU C 146 4.54 15.13 -33.83
N SER C 147 5.16 14.18 -34.59
CA SER C 147 4.39 13.18 -35.37
C SER C 147 4.83 11.78 -34.97
N PRO C 148 3.96 10.79 -35.12
CA PRO C 148 4.39 9.41 -34.93
C PRO C 148 5.56 9.00 -35.82
N TYR C 149 5.60 9.52 -37.05
CA TYR C 149 6.73 9.28 -37.97
C TYR C 149 8.01 9.69 -37.27
N GLY C 150 8.04 10.90 -36.74
CA GLY C 150 9.17 11.47 -36.03
C GLY C 150 9.59 10.58 -34.87
N VAL C 151 8.63 10.04 -34.12
CA VAL C 151 8.93 9.13 -33.01
C VAL C 151 9.71 7.93 -33.53
N THR C 152 9.23 7.33 -34.62
CA THR C 152 9.84 6.08 -35.11
C THR C 152 11.27 6.37 -35.60
N LYS C 153 11.50 7.50 -36.25
CA LYS C 153 12.86 7.83 -36.73
C LYS C 153 13.78 8.11 -35.53
N LEU C 154 13.28 8.76 -34.47
CA LEU C 154 14.10 9.03 -33.29
C LEU C 154 14.40 7.69 -32.61
N SER C 155 13.46 6.76 -32.63
CA SER C 155 13.71 5.40 -32.06
C SER C 155 14.86 4.72 -32.82
N GLY C 156 14.89 4.87 -34.14
CA GLY C 156 15.99 4.29 -34.93
C GLY C 156 17.33 4.92 -34.56
N GLU C 157 17.35 6.25 -34.39
CA GLU C 157 18.58 6.96 -33.93
C GLU C 157 19.02 6.34 -32.60
N HIS C 158 18.08 6.23 -31.65
CA HIS C 158 18.44 5.70 -30.31
C HIS C 158 18.96 4.28 -30.46
N LEU C 159 18.40 3.44 -31.32
CA LEU C 159 19.02 2.10 -31.54
C LEU C 159 20.47 2.24 -31.98
N CYS C 160 20.77 3.14 -32.90
CA CYS C 160 22.15 3.34 -33.32
C CYS C 160 23.05 3.63 -32.11
N HIS C 161 22.65 4.54 -31.21
CA HIS C 161 23.45 4.84 -30.00
C HIS C 161 23.59 3.59 -29.14
N VAL C 162 22.54 2.78 -29.01
CA VAL C 162 22.63 1.55 -28.18
C VAL C 162 23.72 0.63 -28.75
N TYR C 163 23.73 0.40 -30.05
CA TYR C 163 24.63 -0.58 -30.68
C TYR C 163 26.05 0.00 -30.69
N HIS C 164 26.19 1.31 -30.87
CA HIS C 164 27.47 2.02 -30.82
C HIS C 164 28.10 1.87 -29.44
N LYS C 165 27.35 2.18 -28.39
CA LYS C 165 27.91 2.16 -27.02
C LYS C 165 28.18 0.72 -26.60
N ASN C 166 27.35 -0.25 -26.92
CA ASN C 166 27.54 -1.62 -26.37
C ASN C 166 28.46 -2.45 -27.27
N PHE C 167 28.40 -2.27 -28.59
CA PHE C 167 29.11 -3.18 -29.56
C PHE C 167 30.08 -2.44 -30.48
N HIS C 168 30.26 -1.16 -30.27
CA HIS C 168 31.24 -0.31 -31.01
C HIS C 168 30.93 -0.28 -32.50
N ILE C 169 29.65 -0.45 -32.89
CA ILE C 169 29.25 -0.25 -34.31
C ILE C 169 29.50 1.23 -34.58
N PRO C 170 30.24 1.57 -35.65
CA PRO C 170 30.70 2.93 -35.87
C PRO C 170 29.63 3.81 -36.53
N ILE C 171 28.63 4.20 -35.75
CA ILE C 171 27.43 4.88 -36.31
C ILE C 171 27.78 6.33 -36.55
N VAL C 172 27.13 6.92 -37.55
CA VAL C 172 27.01 8.37 -37.83
C VAL C 172 25.56 8.60 -38.19
N ILE C 173 24.93 9.59 -37.58
CA ILE C 173 23.51 9.89 -37.86
C ILE C 173 23.40 11.22 -38.60
N LEU C 174 22.77 11.21 -39.76
CA LEU C 174 22.53 12.43 -40.54
C LEU C 174 21.05 12.75 -40.43
N ARG C 175 20.72 13.98 -40.08
CA ARG C 175 19.30 14.44 -40.01
C ARG C 175 19.03 15.34 -41.20
N TYR C 176 18.33 14.79 -42.16
CA TYR C 176 17.96 15.58 -43.36
C TYR C 176 16.77 16.50 -43.07
N PHE C 177 16.77 17.66 -43.71
CA PHE C 177 15.68 18.66 -43.70
C PHE C 177 15.10 18.79 -45.10
N THR C 178 13.84 18.47 -45.20
CA THR C 178 12.96 18.44 -46.39
C THR C 178 13.75 18.46 -47.71
N VAL C 179 13.95 17.28 -48.22
CA VAL C 179 14.78 17.13 -49.45
C VAL C 179 13.88 17.20 -50.67
N TYR C 180 14.34 17.84 -51.75
CA TYR C 180 13.53 18.02 -52.97
C TYR C 180 14.47 17.97 -54.16
N GLY C 181 13.86 17.87 -55.33
CA GLY C 181 14.54 17.79 -56.62
C GLY C 181 14.00 16.68 -57.48
N PRO C 182 14.69 16.38 -58.60
CA PRO C 182 14.39 15.24 -59.44
C PRO C 182 14.27 13.97 -58.59
N ARG C 183 13.24 13.18 -58.90
CA ARG C 183 12.90 11.85 -58.29
C ARG C 183 12.27 12.05 -56.91
N GLN C 184 11.94 13.27 -56.54
CA GLN C 184 11.25 13.49 -55.26
C GLN C 184 9.99 12.61 -55.24
N ARG C 185 9.75 11.98 -54.08
CA ARG C 185 8.57 11.09 -53.94
C ARG C 185 7.29 11.84 -54.32
N PRO C 186 6.30 11.12 -54.90
CA PRO C 186 5.05 11.75 -55.31
C PRO C 186 4.16 12.24 -54.18
N ASP C 187 4.43 11.87 -52.92
CA ASP C 187 3.61 12.33 -51.77
C ASP C 187 4.15 13.62 -51.20
N MET C 188 5.30 14.11 -51.66
CA MET C 188 5.87 15.34 -51.08
C MET C 188 5.29 16.56 -51.78
N ALA C 189 5.43 17.70 -51.10
CA ALA C 189 4.77 18.96 -51.49
C ALA C 189 5.14 19.34 -52.91
N PHE C 190 6.44 19.40 -53.26
CA PHE C 190 6.81 19.99 -54.57
C PHE C 190 6.27 19.12 -55.69
N HIS C 191 6.36 17.81 -55.57
CA HIS C 191 5.93 16.86 -56.59
C HIS C 191 4.42 17.03 -56.82
N ARG C 192 3.66 17.09 -55.73
CA ARG C 192 2.20 17.22 -55.80
C ARG C 192 1.83 18.54 -56.44
N LEU C 193 2.42 19.64 -55.98
CA LEU C 193 2.02 21.01 -56.41
C LEU C 193 2.44 21.21 -57.87
N ILE C 194 3.58 20.66 -58.26
CA ILE C 194 4.00 20.76 -59.67
C ILE C 194 3.06 19.95 -60.56
N LYS C 195 2.78 18.70 -60.20
CA LYS C 195 1.90 17.82 -60.97
C LYS C 195 0.53 18.47 -61.13
N GLN C 196 0.02 19.09 -60.07
CA GLN C 196 -1.29 19.79 -60.07
C GLN C 196 -1.22 20.95 -61.05
N MET C 197 -0.22 21.81 -60.90
CA MET C 197 0.00 22.94 -61.83
C MET C 197 0.06 22.43 -63.28
N LEU C 198 0.75 21.32 -63.54
CA LEU C 198 0.90 20.80 -64.92
C LEU C 198 -0.47 20.32 -65.41
N GLU C 199 -1.26 19.72 -64.52
CA GLU C 199 -2.57 19.11 -64.87
C GLU C 199 -3.68 20.15 -64.86
N ASP C 200 -3.38 21.42 -64.54
CA ASP C 200 -4.36 22.52 -64.37
C ASP C 200 -5.41 22.08 -63.36
N LYS C 201 -5.00 21.35 -62.32
CA LYS C 201 -5.84 21.02 -61.12
C LYS C 201 -5.56 22.06 -60.03
N PRO C 202 -6.50 22.25 -59.08
CA PRO C 202 -6.21 23.08 -57.92
C PRO C 202 -4.99 22.59 -57.11
N LEU C 203 -4.20 23.53 -56.59
CA LEU C 203 -3.01 23.27 -55.76
C LEU C 203 -3.49 23.05 -54.33
N THR C 204 -3.21 21.89 -53.75
CA THR C 204 -3.61 21.54 -52.36
C THR C 204 -2.62 22.18 -51.42
N ILE C 205 -3.09 23.12 -50.63
CA ILE C 205 -2.30 23.73 -49.55
C ILE C 205 -2.87 23.20 -48.22
N PHE C 206 -2.03 22.58 -47.39
CA PHE C 206 -2.42 22.17 -46.01
C PHE C 206 -2.24 23.36 -45.08
N GLY C 207 -3.32 23.80 -44.43
CA GLY C 207 -3.30 25.04 -43.64
C GLY C 207 -3.38 26.22 -44.58
N ASP C 208 -2.79 27.34 -44.16
CA ASP C 208 -2.81 28.62 -44.92
C ASP C 208 -1.59 28.73 -45.86
N GLY C 209 -0.63 27.80 -45.82
CA GLY C 209 0.55 27.83 -46.73
C GLY C 209 1.66 28.74 -46.25
N THR C 210 1.55 29.35 -45.06
CA THR C 210 2.61 30.24 -44.51
C THR C 210 3.68 29.45 -43.74
N GLN C 211 3.51 28.15 -43.60
CA GLN C 211 4.53 27.26 -43.02
C GLN C 211 5.77 27.36 -43.92
N THR C 212 6.94 27.28 -43.29
CA THR C 212 8.26 27.34 -43.96
C THR C 212 9.00 26.03 -43.74
N ARG C 213 9.87 25.68 -44.67
CA ARG C 213 10.82 24.58 -44.49
C ARG C 213 12.22 25.01 -44.91
N ASP C 214 13.21 24.37 -44.30
CA ASP C 214 14.61 24.42 -44.74
C ASP C 214 14.75 23.40 -45.87
N PHE C 215 14.46 23.78 -47.09
CA PHE C 215 14.36 22.86 -48.24
C PHE C 215 15.78 22.55 -48.71
N THR C 216 16.12 21.28 -48.78
CA THR C 216 17.49 20.85 -49.11
C THR C 216 17.47 20.25 -50.50
N TYR C 217 18.16 20.83 -51.46
CA TYR C 217 18.21 20.25 -52.81
C TYR C 217 18.97 18.92 -52.79
N ILE C 218 18.50 17.97 -53.58
CA ILE C 218 19.01 16.57 -53.52
C ILE C 218 20.52 16.53 -53.76
N ASP C 219 21.09 17.35 -54.64
CA ASP C 219 22.56 17.30 -54.87
C ASP C 219 23.33 17.81 -53.65
N ASP C 220 22.76 18.77 -52.87
CA ASP C 220 23.41 19.30 -51.65
C ASP C 220 23.36 18.20 -50.61
N CYS C 221 22.19 17.62 -50.42
CA CYS C 221 21.99 16.48 -49.48
C CYS C 221 23.03 15.40 -49.76
N ILE C 222 23.18 15.00 -51.02
CA ILE C 222 24.09 13.90 -51.43
C ILE C 222 25.54 14.28 -51.22
N ARG C 223 25.94 15.51 -51.49
CA ARG C 223 27.34 15.94 -51.24
C ARG C 223 27.64 15.80 -49.72
N GLY C 224 26.69 16.23 -48.88
CA GLY C 224 26.85 16.06 -47.43
C GLY C 224 26.92 14.60 -47.02
N THR C 225 26.09 13.77 -47.65
CA THR C 225 25.95 12.33 -47.33
C THR C 225 27.23 11.59 -47.74
N VAL C 226 27.77 11.88 -48.92
CA VAL C 226 29.05 11.28 -49.36
C VAL C 226 30.20 11.81 -48.50
N ALA C 227 30.16 13.07 -48.07
CA ALA C 227 31.17 13.68 -47.17
C ALA C 227 31.24 12.88 -45.85
N ALA C 228 30.13 12.33 -45.38
CA ALA C 228 30.10 11.55 -44.13
C ALA C 228 31.01 10.33 -44.30
N LEU C 229 31.07 9.79 -45.52
CA LEU C 229 31.96 8.63 -45.77
C LEU C 229 33.40 9.13 -45.92
N GLU C 230 33.63 10.24 -46.65
CA GLU C 230 34.97 10.59 -47.19
C GLU C 230 35.71 11.56 -46.26
N THR C 231 35.05 12.13 -45.25
CA THR C 231 35.72 13.12 -44.38
C THR C 231 36.93 12.47 -43.67
N LYS C 232 38.00 13.24 -43.46
CA LYS C 232 39.19 12.75 -42.74
C LYS C 232 38.98 12.90 -41.23
N LYS C 233 37.93 13.61 -40.82
CA LYS C 233 37.61 13.87 -39.39
C LYS C 233 36.95 12.64 -38.75
N ASN C 234 37.19 12.40 -37.45
CA ASN C 234 36.46 11.33 -36.71
C ASN C 234 35.07 11.88 -36.43
N ILE C 235 34.04 11.25 -37.00
CA ILE C 235 32.64 11.69 -36.79
C ILE C 235 31.82 10.55 -36.20
N ILE C 236 32.50 9.49 -35.73
CA ILE C 236 31.77 8.32 -35.17
C ILE C 236 31.02 8.82 -33.92
N GLY C 237 29.75 8.47 -33.83
CA GLY C 237 28.87 8.77 -32.68
C GLY C 237 28.16 10.10 -32.85
N GLU C 238 28.50 10.87 -33.86
CA GLU C 238 27.94 12.22 -34.08
C GLU C 238 26.56 12.17 -34.77
N VAL C 239 25.72 13.10 -34.40
CA VAL C 239 24.45 13.45 -35.07
C VAL C 239 24.69 14.76 -35.80
N ILE C 240 24.35 14.80 -37.08
CA ILE C 240 24.70 15.96 -37.95
C ILE C 240 23.50 16.35 -38.77
N ASN C 241 23.07 17.60 -38.61
CA ASN C 241 22.02 18.21 -39.44
C ASN C 241 22.54 18.44 -40.86
N ILE C 242 21.70 18.13 -41.83
CA ILE C 242 21.93 18.50 -43.24
C ILE C 242 20.75 19.32 -43.73
N GLY C 243 20.98 20.62 -43.95
CA GLY C 243 19.94 21.60 -44.33
C GLY C 243 20.29 22.19 -45.69
N GLY C 244 19.46 23.13 -46.12
CA GLY C 244 19.49 23.59 -47.52
C GLY C 244 19.97 25.01 -47.63
N LYS C 245 19.95 25.51 -48.85
CA LYS C 245 20.51 26.85 -49.12
C LYS C 245 19.56 27.94 -48.60
N GLU C 246 18.23 27.79 -48.74
CA GLU C 246 17.32 28.87 -48.30
C GLU C 246 15.97 28.28 -47.89
N GLN C 247 15.38 28.91 -46.89
CA GLN C 247 14.04 28.57 -46.40
C GLN C 247 13.01 29.31 -47.24
N ALA C 248 11.81 28.76 -47.33
CA ALA C 248 10.71 29.37 -48.09
C ALA C 248 9.40 28.83 -47.55
N SER C 249 8.33 29.60 -47.67
CA SER C 249 6.95 29.15 -47.35
C SER C 249 6.35 28.40 -48.55
N ILE C 250 5.24 27.70 -48.35
CA ILE C 250 4.56 27.01 -49.47
C ILE C 250 3.97 28.07 -50.40
N LEU C 251 3.51 29.19 -49.85
CA LEU C 251 2.96 30.28 -50.69
C LEU C 251 4.11 30.86 -51.56
N ASP C 252 5.33 31.00 -51.01
CA ASP C 252 6.54 31.42 -51.78
C ASP C 252 6.79 30.47 -52.95
N ILE C 253 6.74 29.16 -52.68
CA ILE C 253 7.00 28.13 -53.72
C ILE C 253 5.92 28.20 -54.81
N ILE C 254 4.67 28.41 -54.42
CA ILE C 254 3.58 28.49 -55.41
C ILE C 254 3.83 29.71 -56.33
N SER C 255 4.28 30.83 -55.79
CA SER C 255 4.63 32.04 -56.57
C SER C 255 5.73 31.70 -57.58
N MET C 256 6.76 30.99 -57.12
CA MET C 256 7.87 30.60 -58.02
C MET C 256 7.34 29.66 -59.09
N LEU C 257 6.42 28.73 -58.76
CA LEU C 257 5.90 27.76 -59.76
C LEU C 257 5.06 28.52 -60.81
N GLU C 258 4.28 29.50 -60.38
CA GLU C 258 3.45 30.34 -61.30
C GLU C 258 4.38 31.04 -62.31
N LYS C 259 5.51 31.56 -61.85
CA LYS C 259 6.55 32.22 -62.69
C LYS C 259 7.17 31.19 -63.64
N ILE C 260 7.49 29.97 -63.18
CA ILE C 260 8.16 28.96 -64.04
C ILE C 260 7.17 28.53 -65.12
N SER C 261 5.89 28.37 -64.76
CA SER C 261 4.86 27.74 -65.62
C SER C 261 4.20 28.82 -66.48
N GLY C 262 4.21 30.06 -65.99
CA GLY C 262 3.46 31.17 -66.60
C GLY C 262 1.96 31.03 -66.37
N LYS C 263 1.51 30.10 -65.52
CA LYS C 263 0.08 29.86 -65.21
C LYS C 263 -0.25 30.49 -63.85
N SER C 264 -1.50 30.91 -63.67
CA SER C 264 -2.04 31.41 -62.38
C SER C 264 -2.63 30.18 -61.66
N ALA C 265 -2.27 30.00 -60.40
CA ALA C 265 -2.64 28.83 -59.57
C ALA C 265 -4.02 29.07 -58.95
N THR C 266 -4.93 28.10 -59.08
CA THR C 266 -6.12 27.98 -58.19
C THR C 266 -5.64 27.27 -56.92
N LYS C 267 -5.70 27.96 -55.79
CA LYS C 267 -5.28 27.44 -54.47
C LYS C 267 -6.48 26.75 -53.81
N ASN C 268 -6.34 25.47 -53.43
CA ASN C 268 -7.34 24.69 -52.65
C ASN C 268 -6.78 24.58 -51.23
N PHE C 269 -7.17 25.50 -50.35
CA PHE C 269 -6.73 25.49 -48.92
C PHE C 269 -7.53 24.43 -48.15
N LEU C 270 -6.80 23.43 -47.67
CA LEU C 270 -7.33 22.27 -46.92
C LEU C 270 -6.96 22.44 -45.46
N LYS C 271 -7.53 21.61 -44.59
CA LYS C 271 -7.23 21.71 -43.13
C LYS C 271 -5.76 21.33 -42.88
N SER C 272 -5.12 21.97 -41.88
CA SER C 272 -3.75 21.63 -41.41
C SER C 272 -3.68 20.15 -41.03
N VAL C 273 -2.56 19.50 -41.28
CA VAL C 273 -2.33 18.07 -40.90
C VAL C 273 -1.68 18.06 -39.53
N PRO C 274 -2.24 17.35 -38.53
CA PRO C 274 -1.57 17.33 -37.24
C PRO C 274 -0.17 16.70 -37.41
N GLY C 275 0.75 17.10 -36.56
CA GLY C 275 2.08 16.48 -36.50
C GLY C 275 3.11 17.26 -37.28
N GLU C 276 2.74 18.37 -37.91
CA GLU C 276 3.69 19.17 -38.74
C GLU C 276 4.09 20.44 -38.02
N PRO C 277 5.40 20.76 -37.98
CA PRO C 277 5.87 22.01 -37.39
C PRO C 277 5.57 23.17 -38.35
N LYS C 278 5.44 24.37 -37.80
CA LYS C 278 5.17 25.60 -38.58
C LYS C 278 6.43 26.00 -39.37
N GLN C 279 7.59 25.72 -38.81
CA GLN C 279 8.90 26.16 -39.33
C GLN C 279 9.90 25.03 -39.11
N THR C 280 10.79 24.78 -40.08
CA THR C 280 12.03 24.00 -39.85
C THR C 280 13.21 24.83 -40.32
N TRP C 281 14.28 24.79 -39.56
CA TRP C 281 15.51 25.56 -39.83
C TRP C 281 16.69 24.86 -39.16
N ALA C 282 17.56 24.25 -39.95
CA ALA C 282 18.75 23.53 -39.44
C ALA C 282 19.84 24.54 -39.10
N ASP C 283 20.48 24.34 -37.95
CA ASP C 283 21.80 24.91 -37.66
C ASP C 283 22.79 23.93 -38.27
N ILE C 284 23.52 24.33 -39.29
CA ILE C 284 24.44 23.38 -39.98
C ILE C 284 25.88 23.69 -39.57
N SER C 285 26.10 24.31 -38.40
CA SER C 285 27.46 24.60 -37.88
C SER C 285 28.26 23.30 -37.83
N LYS C 286 27.68 22.23 -37.29
CA LYS C 286 28.40 20.96 -37.12
C LYS C 286 28.75 20.35 -38.50
N ALA C 287 27.81 20.34 -39.44
CA ALA C 287 28.07 19.82 -40.81
C ALA C 287 29.16 20.67 -41.48
N SER C 288 29.12 21.98 -41.27
CA SER C 288 30.15 22.91 -41.83
C SER C 288 31.55 22.51 -41.34
N THR C 289 31.71 22.21 -40.06
CA THR C 289 33.00 21.79 -39.46
C THR C 289 33.39 20.36 -39.82
N LEU C 290 32.47 19.40 -39.69
CA LEU C 290 32.85 17.97 -39.78
C LEU C 290 32.82 17.50 -41.22
N LEU C 291 31.95 18.05 -42.06
CA LEU C 291 31.76 17.53 -43.43
C LEU C 291 32.17 18.58 -44.45
N GLN C 292 32.65 19.75 -44.03
CA GLN C 292 32.90 20.89 -44.96
C GLN C 292 31.63 21.18 -45.78
N TYR C 293 30.46 20.98 -45.16
CA TYR C 293 29.18 21.06 -45.86
C TYR C 293 28.78 22.52 -46.05
N SER C 294 28.45 22.86 -47.28
CA SER C 294 27.90 24.17 -47.65
C SER C 294 26.91 23.92 -48.79
N PRO C 295 25.59 24.12 -48.58
CA PRO C 295 24.63 23.97 -49.68
C PRO C 295 24.84 25.06 -50.74
N THR C 296 24.79 24.69 -52.00
CA THR C 296 25.09 25.66 -53.11
C THR C 296 23.93 25.82 -54.07
N VAL C 297 22.91 24.98 -54.07
CA VAL C 297 21.88 25.04 -55.13
C VAL C 297 20.79 25.98 -54.67
N SER C 298 20.57 27.05 -55.43
CA SER C 298 19.46 27.99 -55.15
C SER C 298 18.11 27.26 -55.26
N LEU C 299 17.13 27.73 -54.50
CA LEU C 299 15.75 27.21 -54.57
C LEU C 299 15.20 27.40 -55.99
N SER C 300 15.49 28.53 -56.64
CA SER C 300 15.00 28.76 -58.00
C SER C 300 15.48 27.65 -58.93
N ASP C 301 16.79 27.37 -58.90
CA ASP C 301 17.46 26.38 -59.76
C ASP C 301 16.90 25.00 -59.44
N GLY C 302 16.84 24.71 -58.14
CA GLY C 302 16.41 23.38 -57.71
C GLY C 302 14.97 23.12 -58.07
N LEU C 303 14.10 24.10 -57.91
CA LEU C 303 12.66 23.94 -58.25
C LEU C 303 12.46 23.80 -59.75
N GLU C 304 13.26 24.51 -60.56
CA GLU C 304 13.21 24.34 -62.02
C GLU C 304 13.63 22.93 -62.42
N ALA C 305 14.64 22.36 -61.76
CA ALA C 305 15.13 21.00 -62.05
C ALA C 305 14.01 20.04 -61.70
N GLU C 306 13.34 20.27 -60.56
CA GLU C 306 12.24 19.34 -60.19
C GLU C 306 11.10 19.48 -61.21
N TYR C 307 10.81 20.69 -61.66
CA TYR C 307 9.65 20.96 -62.54
C TYR C 307 9.85 20.23 -63.87
N ASP C 308 11.07 20.31 -64.41
CA ASP C 308 11.45 19.63 -65.66
C ASP C 308 11.37 18.12 -65.47
N TYR C 309 11.83 17.62 -64.31
CA TYR C 309 11.78 16.17 -64.05
C TYR C 309 10.31 15.71 -64.09
N ILE C 310 9.44 16.41 -63.40
CA ILE C 310 8.01 15.97 -63.24
C ILE C 310 7.34 16.01 -64.62
N LYS C 311 7.59 17.08 -65.36
CA LYS C 311 7.01 17.27 -66.70
C LYS C 311 7.44 16.11 -67.61
N GLN C 312 8.71 15.67 -67.56
CA GLN C 312 9.21 14.52 -68.35
C GLN C 312 8.66 13.20 -67.79
N LEU C 313 8.56 13.07 -66.47
CA LEU C 313 8.13 11.82 -65.81
C LEU C 313 6.72 11.44 -66.31
N TYR C 314 5.81 12.43 -66.37
CA TYR C 314 4.36 12.23 -66.68
C TYR C 314 4.08 12.57 -68.17
N LYS C 315 4.84 11.97 -69.10
N MET D 1 -38.62 10.59 41.98
CA MET D 1 -37.26 10.23 41.49
C MET D 1 -36.59 9.41 42.60
N LYS D 2 -36.44 8.11 42.34
CA LYS D 2 -35.81 7.15 43.26
C LYS D 2 -34.47 6.71 42.64
N ILE D 3 -33.40 7.00 43.35
CA ILE D 3 -32.02 6.84 42.79
C ILE D 3 -31.30 5.79 43.62
N LEU D 4 -30.68 4.83 42.94
CA LEU D 4 -29.79 3.83 43.58
C LEU D 4 -28.35 4.36 43.45
N VAL D 5 -27.59 4.44 44.54
CA VAL D 5 -26.15 4.79 44.51
C VAL D 5 -25.37 3.57 44.99
N THR D 6 -24.68 2.90 44.08
CA THR D 6 -23.80 1.79 44.51
C THR D 6 -22.49 2.42 45.02
N GLY D 7 -21.86 1.80 45.99
CA GLY D 7 -20.65 2.39 46.63
C GLY D 7 -20.97 3.61 47.47
N ALA D 8 -22.18 3.68 48.03
CA ALA D 8 -22.75 4.86 48.71
C ALA D 8 -21.94 5.25 49.96
N ALA D 9 -21.24 4.32 50.61
CA ALA D 9 -20.50 4.65 51.84
C ALA D 9 -19.10 5.20 51.52
N GLY D 10 -18.69 5.16 50.25
CA GLY D 10 -17.31 5.50 49.87
C GLY D 10 -17.12 6.99 49.80
N PHE D 11 -15.93 7.39 49.39
CA PHE D 11 -15.53 8.79 49.30
C PHE D 11 -16.52 9.54 48.42
N ILE D 12 -16.62 9.15 47.15
CA ILE D 12 -17.46 9.95 46.24
C ILE D 12 -18.94 9.61 46.51
N GLY D 13 -19.25 8.34 46.77
CA GLY D 13 -20.65 7.89 46.95
C GLY D 13 -21.31 8.62 48.12
N SER D 14 -20.58 8.84 49.21
CA SER D 14 -21.19 9.43 50.43
C SER D 14 -21.52 10.90 50.16
N HIS D 15 -20.66 11.61 49.46
CA HIS D 15 -20.89 13.01 49.03
C HIS D 15 -22.08 13.05 48.08
N LEU D 16 -22.19 12.08 47.16
CA LEU D 16 -23.24 12.12 46.12
C LEU D 16 -24.59 11.92 46.79
N CYS D 17 -24.67 10.98 47.71
CA CYS D 17 -25.91 10.71 48.46
C CYS D 17 -26.30 11.96 49.23
N GLN D 18 -25.34 12.60 49.89
CA GLN D 18 -25.64 13.84 50.66
C GLN D 18 -26.19 14.91 49.72
N ALA D 19 -25.58 15.13 48.55
CA ALA D 19 -26.02 16.14 47.57
C ALA D 19 -27.43 15.79 47.10
N LEU D 20 -27.67 14.54 46.72
CA LEU D 20 -28.98 14.18 46.15
C LEU D 20 -30.08 14.44 47.20
N LEU D 21 -29.81 14.12 48.46
CA LEU D 21 -30.85 14.19 49.51
C LEU D 21 -31.18 15.65 49.82
N LYS D 22 -30.36 16.60 49.38
CA LYS D 22 -30.67 18.05 49.60
C LYS D 22 -31.87 18.43 48.74
N ASN D 23 -32.18 17.64 47.71
CA ASN D 23 -33.40 17.82 46.89
C ASN D 23 -34.52 17.06 47.59
N SER D 24 -35.52 17.75 48.12
CA SER D 24 -36.53 17.12 49.00
C SER D 24 -37.41 16.18 48.16
N ALA D 25 -37.36 16.29 46.83
CA ALA D 25 -38.13 15.47 45.88
C ALA D 25 -37.42 14.14 45.60
N TYR D 26 -36.15 13.97 45.98
CA TYR D 26 -35.40 12.72 45.65
C TYR D 26 -35.44 11.75 46.81
N HIS D 27 -35.55 10.47 46.49
CA HIS D 27 -35.37 9.34 47.43
C HIS D 27 -34.14 8.56 47.00
N VAL D 28 -33.30 8.16 47.95
CA VAL D 28 -31.99 7.57 47.60
C VAL D 28 -31.88 6.26 48.30
N VAL D 29 -31.44 5.25 47.56
CA VAL D 29 -31.06 3.96 48.13
C VAL D 29 -29.56 3.79 47.90
N GLY D 30 -28.81 3.57 48.98
CA GLY D 30 -27.36 3.33 48.93
C GLY D 30 -27.10 1.88 49.20
N ILE D 31 -26.20 1.27 48.45
CA ILE D 31 -25.71 -0.09 48.82
C ILE D 31 -24.18 -0.04 48.90
N ASP D 32 -23.64 -0.68 49.92
CA ASP D 32 -22.19 -0.70 50.15
C ASP D 32 -21.89 -1.87 51.06
N HIS D 33 -20.82 -2.60 50.75
CA HIS D 33 -20.35 -3.78 51.50
C HIS D 33 -19.15 -3.46 52.40
N PHE D 34 -18.72 -2.21 52.47
CA PHE D 34 -17.55 -1.78 53.29
C PHE D 34 -16.30 -2.60 52.94
N ILE D 35 -15.92 -2.63 51.67
CA ILE D 35 -14.66 -3.29 51.21
C ILE D 35 -13.78 -2.24 50.56
N GLY D 36 -12.66 -2.72 50.05
CA GLY D 36 -11.66 -1.90 49.38
C GLY D 36 -10.72 -1.23 50.37
N PRO D 37 -10.01 -0.19 49.93
CA PRO D 37 -8.87 0.29 50.69
C PRO D 37 -9.21 1.13 51.92
N THR D 38 -10.43 1.64 52.06
CA THR D 38 -10.80 2.47 53.23
C THR D 38 -11.38 1.61 54.33
N PRO D 39 -10.82 1.62 55.55
CA PRO D 39 -11.42 0.92 56.69
C PRO D 39 -12.85 1.38 56.95
N ALA D 40 -13.75 0.45 57.25
CA ALA D 40 -15.17 0.72 57.50
C ALA D 40 -15.37 1.79 58.57
N THR D 41 -14.51 1.83 59.58
CA THR D 41 -14.67 2.77 60.72
C THR D 41 -14.56 4.21 60.22
N LEU D 42 -13.89 4.46 59.08
CA LEU D 42 -13.84 5.82 58.47
C LEU D 42 -15.14 6.15 57.72
N LYS D 43 -16.02 5.18 57.49
CA LYS D 43 -17.23 5.36 56.64
C LYS D 43 -18.56 5.35 57.41
N THR D 44 -18.64 4.68 58.56
CA THR D 44 -19.94 4.39 59.21
C THR D 44 -20.65 5.67 59.68
N GLY D 45 -19.90 6.72 59.98
CA GLY D 45 -20.47 7.98 60.51
C GLY D 45 -21.32 8.69 59.47
N ASN D 46 -20.75 8.89 58.27
CA ASN D 46 -21.46 9.41 57.06
C ASN D 46 -22.79 8.65 56.94
N ILE D 47 -22.73 7.34 56.83
CA ILE D 47 -23.96 6.55 56.58
C ILE D 47 -25.00 6.77 57.70
N GLN D 48 -24.60 6.64 58.97
CA GLN D 48 -25.59 6.57 60.09
C GLN D 48 -26.34 7.89 60.12
N SER D 49 -25.60 8.97 59.91
CA SER D 49 -26.11 10.33 59.61
C SER D 49 -27.26 10.27 58.58
N LEU D 50 -26.99 9.80 57.36
CA LEU D 50 -27.98 9.85 56.23
C LEU D 50 -29.18 8.96 56.55
N GLU D 51 -29.02 7.94 57.39
CA GLU D 51 -30.11 7.01 57.72
C GLU D 51 -31.18 7.69 58.60
N LEU D 52 -30.86 8.83 59.18
CA LEU D 52 -31.85 9.69 59.90
C LEU D 52 -32.84 10.27 58.88
N ASN D 53 -32.34 10.70 57.70
CA ASN D 53 -33.17 11.21 56.58
C ASN D 53 -34.12 10.09 56.16
N SER D 54 -35.43 10.35 56.22
CA SER D 54 -36.51 9.38 55.94
C SER D 54 -36.46 8.99 54.45
N ARG D 55 -35.77 9.77 53.62
CA ARG D 55 -35.73 9.59 52.15
C ARG D 55 -34.47 8.81 51.75
N PHE D 56 -33.68 8.39 52.73
CA PHE D 56 -32.47 7.54 52.49
C PHE D 56 -32.73 6.16 53.06
N GLN D 57 -32.42 5.15 52.26
CA GLN D 57 -32.38 3.74 52.69
C GLN D 57 -30.99 3.20 52.39
N PHE D 58 -30.41 2.45 53.30
CA PHE D 58 -29.05 1.88 53.15
C PHE D 58 -29.10 0.37 53.26
N ILE D 59 -28.40 -0.29 52.35
CA ILE D 59 -28.28 -1.77 52.26
C ILE D 59 -26.78 -2.09 52.41
N ARG D 60 -26.42 -2.78 53.48
CA ARG D 60 -25.07 -3.25 53.79
C ARG D 60 -24.93 -4.65 53.19
N GLU D 61 -24.83 -4.76 51.88
CA GLU D 61 -24.66 -6.09 51.24
C GLU D 61 -23.69 -5.95 50.08
N ASP D 62 -23.12 -7.07 49.67
CA ASP D 62 -22.34 -7.21 48.42
C ASP D 62 -23.30 -7.23 47.25
N ILE D 63 -23.07 -6.39 46.25
CA ILE D 63 -23.86 -6.37 44.99
C ILE D 63 -23.92 -7.80 44.40
N LEU D 64 -22.87 -8.61 44.53
CA LEU D 64 -22.79 -9.99 43.98
C LEU D 64 -23.58 -10.97 44.85
N ASN D 65 -24.10 -10.58 46.01
CA ASN D 65 -24.83 -11.53 46.90
C ASN D 65 -26.07 -10.86 47.46
N THR D 66 -26.77 -10.09 46.65
CA THR D 66 -27.99 -9.35 47.02
C THR D 66 -29.06 -9.68 45.97
N ASP D 67 -30.33 -9.58 46.34
CA ASP D 67 -31.46 -9.74 45.40
C ASP D 67 -31.58 -8.45 44.59
N LEU D 68 -31.00 -8.43 43.39
CA LEU D 68 -30.92 -7.20 42.57
C LEU D 68 -32.31 -6.85 42.02
N SER D 69 -33.19 -7.81 41.73
CA SER D 69 -34.56 -7.46 41.26
C SER D 69 -35.28 -6.68 42.37
N LYS D 70 -35.14 -7.08 43.63
CA LYS D 70 -35.72 -6.31 44.78
C LYS D 70 -35.02 -4.94 44.93
N LEU D 71 -33.70 -4.87 44.82
CA LEU D 71 -32.94 -3.62 44.94
C LEU D 71 -33.43 -2.65 43.86
N LEU D 72 -33.69 -3.14 42.64
CA LEU D 72 -33.97 -2.24 41.51
C LEU D 72 -35.47 -1.98 41.30
N GLN D 73 -36.36 -2.59 42.09
CA GLN D 73 -37.78 -2.75 41.68
C GLN D 73 -38.41 -1.39 41.34
N ASP D 74 -38.12 -0.31 42.08
CA ASP D 74 -38.77 1.01 41.83
C ASP D 74 -37.72 2.08 41.53
N ILE D 75 -36.57 1.70 40.96
CA ILE D 75 -35.44 2.65 40.70
C ILE D 75 -35.61 3.33 39.35
N ASP D 76 -35.43 4.65 39.29
CA ASP D 76 -35.47 5.43 38.03
C ASP D 76 -34.04 5.66 37.53
N VAL D 77 -33.09 5.85 38.45
CA VAL D 77 -31.70 6.23 38.05
C VAL D 77 -30.74 5.41 38.91
N VAL D 78 -29.71 4.87 38.25
CA VAL D 78 -28.60 4.16 38.94
C VAL D 78 -27.36 5.04 38.79
N TYR D 79 -26.67 5.28 39.89
CA TYR D 79 -25.30 5.82 39.90
C TYR D 79 -24.44 4.68 40.36
N HIS D 80 -23.64 4.13 39.45
CA HIS D 80 -22.77 2.98 39.76
C HIS D 80 -21.38 3.49 40.07
N LEU D 81 -21.07 3.58 41.36
CA LEU D 81 -19.75 4.02 41.86
C LEU D 81 -19.00 2.84 42.48
N ALA D 82 -19.66 1.72 42.82
CA ALA D 82 -18.99 0.66 43.58
C ALA D 82 -17.86 0.13 42.70
N ALA D 83 -16.69 0.00 43.28
CA ALA D 83 -15.50 -0.51 42.57
C ALA D 83 -14.41 -0.73 43.62
N ILE D 84 -13.35 -1.43 43.24
CA ILE D 84 -12.06 -1.39 43.95
C ILE D 84 -11.17 -0.43 43.18
N PRO D 85 -10.78 0.72 43.78
CA PRO D 85 -10.01 1.75 43.09
C PRO D 85 -8.51 1.61 43.42
N GLY D 86 -7.65 2.34 42.77
CA GLY D 86 -6.24 2.30 43.21
C GLY D 86 -5.34 1.69 42.17
N VAL D 87 -4.55 2.51 41.53
CA VAL D 87 -3.63 2.07 40.45
C VAL D 87 -2.56 1.21 41.10
N ARG D 88 -2.00 1.72 42.23
CA ARG D 88 -0.70 1.23 42.74
C ARG D 88 -0.86 -0.16 43.30
N THR D 89 -2.06 -0.54 43.75
CA THR D 89 -2.28 -1.83 44.42
C THR D 89 -3.06 -2.78 43.50
N SER D 90 -2.98 -2.63 42.19
CA SER D 90 -3.77 -3.47 41.22
C SER D 90 -2.88 -4.53 40.57
N TRP D 91 -1.66 -4.75 41.09
CA TRP D 91 -0.69 -5.72 40.50
C TRP D 91 -0.71 -7.08 41.18
N GLY D 92 -0.25 -8.09 40.46
CA GLY D 92 0.07 -9.38 41.08
C GLY D 92 -1.16 -9.99 41.75
N LYS D 93 -0.99 -10.46 42.97
CA LYS D 93 -2.05 -11.20 43.69
C LYS D 93 -3.15 -10.23 44.15
N ASP D 94 -3.00 -8.92 43.98
CA ASP D 94 -4.01 -7.94 44.43
C ASP D 94 -4.99 -7.65 43.28
N PHE D 95 -4.80 -8.24 42.10
CA PHE D 95 -5.64 -7.95 40.92
C PHE D 95 -7.05 -8.56 41.07
N GLN D 96 -7.19 -9.77 41.61
CA GLN D 96 -8.47 -10.53 41.55
C GLN D 96 -9.64 -9.69 42.07
N PRO D 97 -9.52 -8.97 43.22
CA PRO D 97 -10.63 -8.12 43.70
C PRO D 97 -11.07 -7.02 42.74
N TYR D 98 -10.15 -6.54 41.91
CA TYR D 98 -10.45 -5.53 40.87
C TYR D 98 -11.33 -6.20 39.82
N VAL D 99 -11.01 -7.43 39.46
CA VAL D 99 -11.79 -8.13 38.41
C VAL D 99 -13.16 -8.47 38.99
N THR D 100 -13.24 -8.96 40.20
CA THR D 100 -14.54 -9.32 40.81
C THR D 100 -15.43 -8.06 40.93
N ASN D 101 -14.89 -6.97 41.47
CA ASN D 101 -15.76 -5.85 41.90
C ASN D 101 -15.87 -4.83 40.79
N ASN D 102 -14.98 -4.81 39.80
CA ASN D 102 -15.06 -3.77 38.75
C ASN D 102 -15.69 -4.38 37.48
N ILE D 103 -15.52 -5.66 37.27
CA ILE D 103 -16.04 -6.33 36.03
C ILE D 103 -17.26 -7.19 36.36
N MET D 104 -17.16 -8.12 37.30
CA MET D 104 -18.31 -9.01 37.61
C MET D 104 -19.48 -8.21 38.20
N VAL D 105 -19.23 -7.28 39.12
CA VAL D 105 -20.32 -6.44 39.69
C VAL D 105 -21.04 -5.68 38.58
N THR D 106 -20.26 -5.07 37.70
CA THR D 106 -20.83 -4.23 36.64
C THR D 106 -21.72 -5.13 35.77
N GLN D 107 -21.20 -6.28 35.36
CA GLN D 107 -21.98 -7.20 34.51
C GLN D 107 -23.26 -7.63 35.22
N GLN D 108 -23.19 -7.92 36.53
CA GLN D 108 -24.37 -8.45 37.23
C GLN D 108 -25.41 -7.35 37.40
N LEU D 109 -24.99 -6.12 37.65
CA LEU D 109 -25.91 -4.96 37.72
C LEU D 109 -26.60 -4.76 36.38
N LEU D 110 -25.85 -4.82 35.27
CA LEU D 110 -26.42 -4.51 33.95
C LEU D 110 -27.39 -5.63 33.61
N GLU D 111 -27.05 -6.87 33.94
CA GLU D 111 -27.96 -8.01 33.70
C GLU D 111 -29.29 -7.73 34.42
N ALA D 112 -29.22 -7.28 35.68
CA ALA D 112 -30.41 -7.00 36.50
C ALA D 112 -31.22 -5.82 35.96
N CYS D 113 -30.60 -4.87 35.25
CA CYS D 113 -31.27 -3.66 34.69
C CYS D 113 -31.80 -3.92 33.26
N LYS D 114 -31.55 -5.08 32.65
CA LYS D 114 -31.87 -5.32 31.21
C LYS D 114 -33.35 -5.00 30.90
N HIS D 115 -34.23 -5.43 31.78
CA HIS D 115 -35.69 -5.38 31.55
C HIS D 115 -36.36 -4.29 32.42
N ILE D 116 -35.60 -3.41 33.08
CA ILE D 116 -36.19 -2.38 33.97
C ILE D 116 -36.16 -1.04 33.25
N LYS D 117 -37.23 -0.26 33.36
CA LYS D 117 -37.31 1.03 32.67
C LYS D 117 -36.58 2.03 33.57
N LEU D 118 -35.31 2.26 33.31
CA LEU D 118 -34.51 3.33 33.95
C LEU D 118 -34.61 4.53 33.07
N ASP D 119 -34.48 5.70 33.68
CA ASP D 119 -34.17 6.94 32.97
C ASP D 119 -32.71 6.93 32.54
N LYS D 120 -31.80 6.59 33.47
CA LYS D 120 -30.34 6.65 33.24
C LYS D 120 -29.65 5.62 34.10
N PHE D 121 -28.58 5.07 33.54
CA PHE D 121 -27.61 4.24 34.26
C PHE D 121 -26.28 4.98 34.14
N ILE D 122 -25.95 5.70 35.19
CA ILE D 122 -24.76 6.61 35.19
C ILE D 122 -23.61 5.83 35.81
N HIS D 123 -22.69 5.41 34.97
CA HIS D 123 -21.53 4.56 35.32
C HIS D 123 -20.33 5.46 35.57
N ILE D 124 -19.72 5.36 36.73
CA ILE D 124 -18.55 6.20 37.05
C ILE D 124 -17.27 5.42 36.66
N SER D 125 -16.44 6.03 35.83
CA SER D 125 -15.17 5.46 35.38
C SER D 125 -14.09 6.50 35.71
N THR D 126 -12.96 6.40 35.03
CA THR D 126 -11.70 7.00 35.53
C THR D 126 -10.81 7.44 34.38
N SER D 127 -10.04 8.49 34.63
CA SER D 127 -8.97 8.95 33.71
C SER D 127 -7.96 7.82 33.52
N SER D 128 -7.92 6.83 34.41
CA SER D 128 -6.92 5.74 34.33
C SER D 128 -7.19 4.89 33.09
N VAL D 129 -8.30 5.07 32.38
CA VAL D 129 -8.53 4.26 31.14
C VAL D 129 -7.64 4.79 30.02
N TYR D 130 -7.18 6.03 30.10
CA TYR D 130 -6.49 6.70 28.98
C TYR D 130 -5.04 6.21 28.88
N GLY D 131 -4.29 6.13 29.97
CA GLY D 131 -2.81 6.09 29.86
C GLY D 131 -2.21 7.33 29.15
N GLU D 132 -0.91 7.31 28.85
CA GLU D 132 -0.12 8.55 28.58
C GLU D 132 -0.57 9.19 27.29
N LYS D 133 -0.89 10.48 27.35
CA LYS D 133 -1.19 11.34 26.18
C LYS D 133 -0.58 12.71 26.46
N SER D 134 0.03 13.36 25.47
CA SER D 134 0.45 14.77 25.59
C SER D 134 -0.79 15.65 25.37
N GLY D 135 -1.02 16.63 26.24
CA GLY D 135 -2.11 17.60 26.09
C GLY D 135 -3.39 17.10 26.74
N ALA D 136 -4.46 17.90 26.64
CA ALA D 136 -5.80 17.63 27.20
C ALA D 136 -6.41 16.43 26.46
N VAL D 137 -6.84 15.40 27.20
CA VAL D 137 -7.42 14.18 26.59
C VAL D 137 -8.93 14.37 26.40
N SER D 138 -9.42 14.06 25.20
CA SER D 138 -10.86 14.13 24.89
C SER D 138 -11.41 12.72 24.88
N GLU D 139 -12.72 12.61 24.97
CA GLU D 139 -13.41 11.31 25.15
C GLU D 139 -13.32 10.45 23.89
N ASP D 140 -12.89 10.98 22.74
CA ASP D 140 -12.88 10.17 21.49
C ASP D 140 -11.54 9.46 21.29
N LEU D 141 -10.52 9.72 22.11
CA LEU D 141 -9.20 9.05 22.02
C LEU D 141 -9.35 7.56 22.35
N LEU D 142 -8.66 6.74 21.57
CA LEU D 142 -8.58 5.29 21.83
C LEU D 142 -7.89 5.08 23.18
N PRO D 143 -8.58 4.48 24.16
CA PRO D 143 -8.02 4.34 25.49
C PRO D 143 -7.11 3.11 25.56
N ILE D 144 -5.91 3.29 26.08
CA ILE D 144 -4.97 2.14 26.32
C ILE D 144 -4.47 2.30 27.74
N PRO D 145 -5.18 1.69 28.72
CA PRO D 145 -4.76 1.82 30.10
C PRO D 145 -3.28 1.45 30.32
N LEU D 146 -2.65 2.13 31.30
CA LEU D 146 -1.29 1.82 31.77
C LEU D 146 -1.31 0.90 32.97
N SER D 147 -2.45 0.70 33.65
CA SER D 147 -2.49 -0.08 34.90
C SER D 147 -3.53 -1.17 34.78
N PRO D 148 -3.41 -2.25 35.55
CA PRO D 148 -4.46 -3.28 35.58
C PRO D 148 -5.79 -2.70 36.10
N TYR D 149 -5.74 -1.80 37.08
CA TYR D 149 -6.94 -1.08 37.57
C TYR D 149 -7.65 -0.46 36.37
N GLY D 150 -6.93 0.36 35.58
CA GLY D 150 -7.45 1.02 34.37
C GLY D 150 -8.08 0.02 33.41
N VAL D 151 -7.44 -1.12 33.21
CA VAL D 151 -8.01 -2.18 32.37
C VAL D 151 -9.38 -2.61 32.92
N THR D 152 -9.52 -2.86 34.21
CA THR D 152 -10.78 -3.37 34.79
C THR D 152 -11.87 -2.29 34.66
N LYS D 153 -11.52 -1.01 34.81
CA LYS D 153 -12.50 0.09 34.69
C LYS D 153 -12.90 0.24 33.23
N LEU D 154 -11.96 0.05 32.30
CA LEU D 154 -12.34 0.15 30.89
C LEU D 154 -13.24 -1.04 30.49
N SER D 155 -13.01 -2.20 31.06
CA SER D 155 -13.87 -3.38 30.83
C SER D 155 -15.27 -3.10 31.37
N GLY D 156 -15.41 -2.41 32.51
CA GLY D 156 -16.72 -1.96 32.98
C GLY D 156 -17.42 -1.05 31.98
N GLU D 157 -16.72 -0.09 31.39
CA GLU D 157 -17.24 0.82 30.35
C GLU D 157 -17.73 -0.02 29.17
N HIS D 158 -16.92 -0.96 28.73
CA HIS D 158 -17.27 -1.85 27.59
C HIS D 158 -18.54 -2.61 27.89
N LEU D 159 -18.67 -3.12 29.10
CA LEU D 159 -19.90 -3.85 29.46
C LEU D 159 -21.08 -2.87 29.38
N CYS D 160 -20.96 -1.64 29.87
CA CYS D 160 -22.04 -0.63 29.66
C CYS D 160 -22.41 -0.58 28.16
N HIS D 161 -21.44 -0.48 27.24
CA HIS D 161 -21.74 -0.38 25.79
C HIS D 161 -22.43 -1.65 25.29
N VAL D 162 -22.01 -2.81 25.76
CA VAL D 162 -22.63 -4.10 25.34
C VAL D 162 -24.12 -4.07 25.69
N TYR D 163 -24.44 -3.66 26.92
CA TYR D 163 -25.83 -3.77 27.41
C TYR D 163 -26.68 -2.62 26.86
N HIS D 164 -26.08 -1.47 26.58
CA HIS D 164 -26.76 -0.36 25.88
C HIS D 164 -27.15 -0.81 24.46
N LYS D 165 -26.23 -1.43 23.75
CA LYS D 165 -26.46 -1.72 22.30
C LYS D 165 -27.43 -2.89 22.19
N ASN D 166 -27.29 -3.90 23.03
CA ASN D 166 -28.13 -5.12 22.97
C ASN D 166 -29.49 -4.91 23.63
N PHE D 167 -29.57 -4.22 24.78
CA PHE D 167 -30.81 -4.18 25.61
C PHE D 167 -31.30 -2.77 25.91
N HIS D 168 -30.70 -1.74 25.32
CA HIS D 168 -31.13 -0.31 25.39
C HIS D 168 -31.08 0.20 26.84
N ILE D 169 -30.20 -0.33 27.70
CA ILE D 169 -29.92 0.30 29.01
C ILE D 169 -29.33 1.68 28.75
N PRO D 170 -29.98 2.73 29.29
CA PRO D 170 -29.63 4.11 28.96
C PRO D 170 -28.38 4.61 29.71
N ILE D 171 -27.23 4.10 29.29
CA ILE D 171 -25.94 4.36 29.98
C ILE D 171 -25.43 5.77 29.70
N VAL D 172 -24.70 6.29 30.67
CA VAL D 172 -23.91 7.53 30.63
C VAL D 172 -22.64 7.17 31.40
N ILE D 173 -21.48 7.48 30.84
CA ILE D 173 -20.19 7.16 31.47
C ILE D 173 -19.53 8.48 31.83
N LEU D 174 -19.23 8.66 33.11
CA LEU D 174 -18.42 9.80 33.56
C LEU D 174 -17.01 9.29 33.86
N ARG D 175 -16.00 9.98 33.37
CA ARG D 175 -14.59 9.66 33.68
C ARG D 175 -14.07 10.75 34.62
N TYR D 176 -13.90 10.43 35.89
CA TYR D 176 -13.35 11.36 36.90
C TYR D 176 -11.84 11.39 36.78
N PHE D 177 -11.30 12.58 37.04
CA PHE D 177 -9.85 12.83 37.17
C PHE D 177 -9.45 13.19 38.62
N THR D 178 -8.58 12.38 39.20
CA THR D 178 -8.05 12.41 40.59
C THR D 178 -8.86 13.32 41.49
N VAL D 179 -9.83 12.74 42.17
CA VAL D 179 -10.75 13.48 43.07
C VAL D 179 -10.10 13.59 44.45
N TYR D 180 -10.25 14.75 45.09
CA TYR D 180 -9.70 14.96 46.43
C TYR D 180 -10.66 15.83 47.25
N GLY D 181 -10.38 15.91 48.54
CA GLY D 181 -11.14 16.72 49.48
C GLY D 181 -11.48 15.97 50.74
N PRO D 182 -12.36 16.53 51.59
CA PRO D 182 -12.87 15.83 52.76
C PRO D 182 -13.37 14.46 52.33
N ARG D 183 -13.11 13.48 53.16
CA ARG D 183 -13.47 12.05 53.01
C ARG D 183 -12.58 11.36 51.95
N GLN D 184 -11.59 12.01 51.35
CA GLN D 184 -10.71 11.31 50.39
C GLN D 184 -10.21 10.00 51.03
N ARG D 185 -10.13 8.93 50.25
CA ARG D 185 -9.65 7.63 50.76
C ARG D 185 -8.26 7.74 51.35
N PRO D 186 -7.93 6.93 52.37
CA PRO D 186 -6.61 6.99 53.01
C PRO D 186 -5.43 6.51 52.14
N ASP D 187 -5.69 5.77 51.04
CA ASP D 187 -4.65 5.32 50.09
C ASP D 187 -4.29 6.37 49.06
N MET D 188 -5.00 7.50 48.94
CA MET D 188 -4.69 8.52 47.93
C MET D 188 -3.63 9.48 48.46
N ALA D 189 -2.99 10.15 47.54
CA ALA D 189 -1.77 10.96 47.82
C ALA D 189 -2.08 11.99 48.91
N PHE D 190 -3.10 12.83 48.74
CA PHE D 190 -3.23 13.99 49.66
C PHE D 190 -3.49 13.48 51.07
N HIS D 191 -4.30 12.45 51.21
CA HIS D 191 -4.61 11.88 52.54
C HIS D 191 -3.30 11.36 53.16
N ARG D 192 -2.54 10.56 52.41
CA ARG D 192 -1.26 10.02 52.93
C ARG D 192 -0.28 11.15 53.33
N LEU D 193 -0.14 12.17 52.51
CA LEU D 193 0.88 13.22 52.71
C LEU D 193 0.42 14.08 53.90
N ILE D 194 -0.87 14.38 53.99
CA ILE D 194 -1.38 15.20 55.11
C ILE D 194 -1.17 14.41 56.40
N LYS D 195 -1.57 13.15 56.43
CA LYS D 195 -1.37 12.30 57.60
C LYS D 195 0.10 12.28 58.01
N GLN D 196 1.02 12.12 57.07
CA GLN D 196 2.48 12.03 57.34
C GLN D 196 2.90 13.37 57.97
N MET D 197 2.37 14.46 57.44
CA MET D 197 2.75 15.79 58.01
C MET D 197 2.24 15.93 59.44
N LEU D 198 0.97 15.59 59.71
CA LEU D 198 0.37 15.71 61.06
C LEU D 198 1.16 14.85 62.06
N GLU D 199 1.62 13.69 61.61
CA GLU D 199 2.25 12.70 62.50
C GLU D 199 3.78 12.82 62.49
N ASP D 200 4.37 13.83 61.84
CA ASP D 200 5.84 14.05 61.76
C ASP D 200 6.52 12.81 61.17
N LYS D 201 5.92 12.22 60.15
CA LYS D 201 6.51 11.07 59.43
C LYS D 201 7.11 11.60 58.15
N PRO D 202 8.10 10.90 57.57
CA PRO D 202 8.63 11.33 56.28
C PRO D 202 7.54 11.24 55.21
N LEU D 203 7.58 12.14 54.23
CA LEU D 203 6.63 12.17 53.11
C LEU D 203 7.03 11.13 52.07
N THR D 204 6.13 10.21 51.74
CA THR D 204 6.41 9.20 50.70
C THR D 204 6.11 9.81 49.35
N ILE D 205 7.14 10.04 48.55
CA ILE D 205 6.96 10.55 47.17
C ILE D 205 7.32 9.44 46.19
N PHE D 206 6.41 9.09 45.28
CA PHE D 206 6.61 7.94 44.35
C PHE D 206 7.18 8.54 43.08
N GLY D 207 8.46 8.29 42.84
CA GLY D 207 9.18 8.89 41.70
C GLY D 207 9.79 10.19 42.14
N ASP D 208 9.95 11.13 41.24
CA ASP D 208 10.66 12.39 41.59
C ASP D 208 9.67 13.49 41.97
N GLY D 209 8.36 13.24 41.92
CA GLY D 209 7.34 14.19 42.42
C GLY D 209 6.92 15.20 41.36
N THR D 210 7.54 15.13 40.17
CA THR D 210 7.25 16.11 39.09
C THR D 210 5.99 15.69 38.33
N GLN D 211 5.46 14.50 38.61
CA GLN D 211 4.22 14.07 37.91
C GLN D 211 3.12 15.07 38.26
N THR D 212 2.15 15.22 37.37
CA THR D 212 1.05 16.18 37.52
C THR D 212 -0.28 15.46 37.36
N ARG D 213 -1.30 16.03 37.96
CA ARG D 213 -2.67 15.51 37.85
C ARG D 213 -3.62 16.69 37.68
N ASP D 214 -4.69 16.40 36.94
CA ASP D 214 -5.92 17.23 36.88
C ASP D 214 -6.73 16.94 38.15
N PHE D 215 -6.37 17.56 39.27
CA PHE D 215 -6.99 17.28 40.59
C PHE D 215 -8.37 17.90 40.62
N THR D 216 -9.38 17.12 40.94
CA THR D 216 -10.78 17.57 40.93
C THR D 216 -11.31 17.63 42.34
N TYR D 217 -11.66 18.82 42.82
CA TYR D 217 -12.26 18.91 44.16
C TYR D 217 -13.59 18.18 44.21
N ILE D 218 -13.85 17.51 45.31
CA ILE D 218 -15.03 16.62 45.50
C ILE D 218 -16.31 17.39 45.18
N ASP D 219 -16.44 18.66 45.60
CA ASP D 219 -17.70 19.42 45.35
C ASP D 219 -17.85 19.70 43.87
N ASP D 220 -16.76 19.95 43.14
CA ASP D 220 -16.78 20.13 41.67
C ASP D 220 -17.21 18.80 41.03
N CYS D 221 -16.59 17.70 41.42
CA CYS D 221 -16.94 16.35 40.92
C CYS D 221 -18.45 16.10 41.09
N ILE D 222 -18.97 16.36 42.27
CA ILE D 222 -20.38 16.05 42.64
C ILE D 222 -21.34 16.96 41.82
N ARG D 223 -20.99 18.21 41.62
CA ARG D 223 -21.87 19.13 40.83
C ARG D 223 -21.99 18.61 39.39
N GLY D 224 -20.90 18.13 38.81
CA GLY D 224 -20.90 17.56 37.45
C GLY D 224 -21.66 16.24 37.41
N THR D 225 -21.52 15.44 38.45
CA THR D 225 -22.20 14.15 38.56
C THR D 225 -23.70 14.32 38.74
N VAL D 226 -24.12 15.29 39.55
CA VAL D 226 -25.57 15.59 39.68
C VAL D 226 -26.05 16.18 38.34
N ALA D 227 -25.25 16.96 37.65
CA ALA D 227 -25.64 17.55 36.34
C ALA D 227 -25.96 16.44 35.33
N ALA D 228 -25.27 15.29 35.40
CA ALA D 228 -25.56 14.13 34.53
C ALA D 228 -27.01 13.69 34.73
N LEU D 229 -27.57 13.78 35.95
CA LEU D 229 -28.97 13.39 36.23
C LEU D 229 -29.92 14.53 35.77
N GLU D 230 -29.52 15.78 35.92
CA GLU D 230 -30.50 16.92 35.85
C GLU D 230 -30.41 17.68 34.54
N THR D 231 -29.44 17.38 33.69
CA THR D 231 -29.25 18.12 32.39
C THR D 231 -30.47 17.86 31.50
N LYS D 232 -30.89 18.86 30.72
CA LYS D 232 -31.97 18.68 29.72
C LYS D 232 -31.37 18.11 28.43
N LYS D 233 -30.06 18.20 28.23
CA LYS D 233 -29.38 17.62 27.03
C LYS D 233 -29.58 16.10 27.06
N ASN D 234 -29.79 15.48 25.89
CA ASN D 234 -29.74 14.00 25.74
C ASN D 234 -28.27 13.58 25.78
N ILE D 235 -27.86 12.88 26.82
CA ILE D 235 -26.44 12.45 27.00
C ILE D 235 -26.36 10.92 27.05
N ILE D 236 -27.45 10.22 26.74
CA ILE D 236 -27.43 8.73 26.72
C ILE D 236 -26.39 8.27 25.70
N GLY D 237 -25.55 7.33 26.11
CA GLY D 237 -24.51 6.74 25.25
C GLY D 237 -23.21 7.53 25.27
N GLU D 238 -23.17 8.67 25.95
CA GLU D 238 -22.02 9.60 25.95
C GLU D 238 -21.02 9.22 27.05
N VAL D 239 -19.74 9.40 26.74
CA VAL D 239 -18.61 9.37 27.71
C VAL D 239 -18.23 10.81 28.00
N ILE D 240 -18.12 11.20 29.27
CA ILE D 240 -17.85 12.62 29.65
C ILE D 240 -16.74 12.69 30.71
N ASN D 241 -15.71 13.47 30.42
CA ASN D 241 -14.58 13.78 31.33
C ASN D 241 -15.06 14.77 32.40
N ILE D 242 -14.79 14.47 33.66
CA ILE D 242 -15.02 15.43 34.78
C ILE D 242 -13.65 15.71 35.38
N GLY D 243 -13.12 16.90 35.10
CA GLY D 243 -11.79 17.37 35.50
C GLY D 243 -11.88 18.56 36.46
N GLY D 244 -10.74 19.04 36.94
CA GLY D 244 -10.70 19.99 38.07
C GLY D 244 -10.24 21.37 37.68
N LYS D 245 -10.12 22.24 38.68
CA LYS D 245 -9.94 23.69 38.45
C LYS D 245 -8.49 23.93 38.04
N GLU D 246 -7.54 23.21 38.64
CA GLU D 246 -6.08 23.56 38.60
C GLU D 246 -5.27 22.26 38.55
N GLN D 247 -4.36 22.15 37.59
CA GLN D 247 -3.35 21.06 37.53
C GLN D 247 -2.21 21.42 38.50
N ALA D 248 -1.58 20.41 39.11
CA ALA D 248 -0.39 20.64 39.93
C ALA D 248 0.48 19.41 39.91
N SER D 249 1.76 19.58 40.19
CA SER D 249 2.69 18.46 40.49
C SER D 249 2.58 18.08 41.95
N ILE D 250 3.07 16.88 42.27
CA ILE D 250 3.09 16.42 43.67
C ILE D 250 4.04 17.33 44.46
N LEU D 251 5.13 17.79 43.86
CA LEU D 251 6.02 18.76 44.59
C LEU D 251 5.27 20.06 44.87
N ASP D 252 4.46 20.54 43.92
CA ASP D 252 3.65 21.78 44.06
C ASP D 252 2.70 21.57 45.26
N ILE D 253 2.03 20.42 45.32
CA ILE D 253 1.04 20.12 46.39
C ILE D 253 1.74 20.05 47.75
N ILE D 254 2.92 19.45 47.78
CA ILE D 254 3.69 19.32 49.04
C ILE D 254 4.08 20.71 49.56
N SER D 255 4.52 21.60 48.70
CA SER D 255 4.80 23.00 49.13
C SER D 255 3.54 23.65 49.69
N MET D 256 2.40 23.47 49.07
CA MET D 256 1.14 24.07 49.60
C MET D 256 0.80 23.44 50.94
N LEU D 257 0.96 22.12 51.09
CA LEU D 257 0.62 21.45 52.37
C LEU D 257 1.58 21.85 53.50
N GLU D 258 2.84 22.11 53.17
CA GLU D 258 3.82 22.54 54.18
C GLU D 258 3.41 23.91 54.74
N LYS D 259 2.92 24.77 53.88
CA LYS D 259 2.41 26.09 54.32
C LYS D 259 1.21 25.91 55.24
N ILE D 260 0.27 25.04 54.88
CA ILE D 260 -0.96 24.83 55.69
C ILE D 260 -0.60 24.19 57.04
N SER D 261 0.27 23.20 57.03
CA SER D 261 0.55 22.38 58.22
C SER D 261 1.57 23.06 59.15
N GLY D 262 2.37 24.01 58.63
CA GLY D 262 3.56 24.60 59.28
C GLY D 262 4.71 23.62 59.47
N LYS D 263 4.62 22.42 58.90
CA LYS D 263 5.56 21.29 59.13
C LYS D 263 6.59 21.32 58.00
N SER D 264 7.83 20.98 58.31
CA SER D 264 8.91 20.79 57.32
C SER D 264 9.31 19.32 57.33
N ALA D 265 8.65 18.49 56.53
CA ALA D 265 8.80 17.03 56.58
C ALA D 265 9.99 16.60 55.72
N THR D 266 10.73 15.60 56.18
CA THR D 266 11.75 14.87 55.37
C THR D 266 11.03 14.27 54.15
N LYS D 267 11.57 14.48 52.96
CA LYS D 267 11.04 13.87 51.70
C LYS D 267 11.71 12.51 51.49
N ASN D 268 10.91 11.46 51.37
CA ASN D 268 11.35 10.08 51.01
C ASN D 268 11.01 9.85 49.54
N PHE D 269 11.95 10.04 48.62
CA PHE D 269 11.78 9.81 47.17
C PHE D 269 11.96 8.32 46.88
N LEU D 270 10.84 7.64 46.73
CA LEU D 270 10.79 6.19 46.48
C LEU D 270 10.68 5.93 44.98
N LYS D 271 10.82 4.66 44.63
CA LYS D 271 10.67 4.17 43.25
C LYS D 271 9.28 4.57 42.73
N SER D 272 9.23 4.95 41.46
CA SER D 272 7.98 5.14 40.69
C SER D 272 7.11 3.90 40.79
N VAL D 273 5.80 4.11 40.85
CA VAL D 273 4.85 2.97 40.80
C VAL D 273 4.53 2.70 39.33
N PRO D 274 4.69 1.45 38.86
CA PRO D 274 4.30 1.10 37.49
C PRO D 274 2.79 1.36 37.39
N GLY D 275 2.36 1.76 36.21
CA GLY D 275 0.94 1.87 35.86
C GLY D 275 0.49 3.31 35.92
N GLU D 276 1.37 4.23 36.34
CA GLU D 276 0.93 5.63 36.58
C GLU D 276 1.39 6.48 35.42
N PRO D 277 0.53 7.34 34.84
CA PRO D 277 0.99 8.31 33.85
C PRO D 277 1.78 9.43 34.54
N LYS D 278 2.65 10.08 33.77
CA LYS D 278 3.41 11.29 34.18
C LYS D 278 2.46 12.48 34.37
N GLN D 279 1.46 12.59 33.53
CA GLN D 279 0.52 13.74 33.58
C GLN D 279 -0.89 13.25 33.30
N THR D 280 -1.87 13.90 33.92
CA THR D 280 -3.27 13.80 33.45
C THR D 280 -3.77 15.21 33.20
N TRP D 281 -4.59 15.37 32.18
CA TRP D 281 -5.21 16.65 31.83
C TRP D 281 -6.51 16.41 31.06
N ALA D 282 -7.66 16.68 31.67
CA ALA D 282 -8.98 16.44 31.03
C ALA D 282 -9.28 17.62 30.10
N ASP D 283 -9.64 17.29 28.86
CA ASP D 283 -10.44 18.18 27.98
C ASP D 283 -11.88 18.11 28.49
N ILE D 284 -12.40 19.19 29.09
CA ILE D 284 -13.76 19.22 29.67
C ILE D 284 -14.73 20.02 28.79
N SER D 285 -14.39 20.22 27.52
CA SER D 285 -15.26 20.89 26.51
C SER D 285 -16.63 20.23 26.50
N LYS D 286 -16.61 18.89 26.45
CA LYS D 286 -17.85 18.09 26.36
C LYS D 286 -18.70 18.33 27.61
N ALA D 287 -18.12 18.26 28.82
CA ALA D 287 -18.89 18.48 30.06
C ALA D 287 -19.38 19.94 30.11
N SER D 288 -18.59 20.89 29.64
CA SER D 288 -19.02 22.32 29.58
C SER D 288 -20.30 22.44 28.73
N THR D 289 -20.32 21.78 27.56
CA THR D 289 -21.45 21.81 26.59
C THR D 289 -22.65 21.07 27.16
N LEU D 290 -22.45 19.85 27.66
CA LEU D 290 -23.56 18.90 27.94
C LEU D 290 -24.08 19.08 29.36
N LEU D 291 -23.24 19.46 30.32
CA LEU D 291 -23.62 19.53 31.76
C LEU D 291 -23.46 20.95 32.30
N GLN D 292 -23.07 21.91 31.47
CA GLN D 292 -22.77 23.30 31.94
C GLN D 292 -21.75 23.21 33.08
N TYR D 293 -20.77 22.33 32.94
CA TYR D 293 -19.76 22.03 34.00
C TYR D 293 -18.64 23.05 33.99
N SER D 294 -18.40 23.65 35.14
CA SER D 294 -17.23 24.53 35.41
C SER D 294 -16.75 24.29 36.83
N PRO D 295 -15.51 23.80 37.02
CA PRO D 295 -14.99 23.60 38.38
C PRO D 295 -14.61 24.94 39.04
N THR D 296 -14.91 25.13 40.31
CA THR D 296 -14.76 26.45 40.96
C THR D 296 -13.90 26.44 42.22
N VAL D 297 -13.51 25.26 42.73
CA VAL D 297 -12.77 25.23 44.02
C VAL D 297 -11.27 25.25 43.75
N SER D 298 -10.56 26.23 44.29
CA SER D 298 -9.10 26.34 44.10
C SER D 298 -8.42 25.20 44.87
N LEU D 299 -7.22 24.82 44.45
CA LEU D 299 -6.35 23.89 45.24
C LEU D 299 -6.05 24.42 46.64
N SER D 300 -5.69 25.70 46.83
CA SER D 300 -5.43 26.20 48.20
C SER D 300 -6.68 25.96 49.06
N ASP D 301 -7.90 26.24 48.56
CA ASP D 301 -9.12 26.08 49.41
C ASP D 301 -9.39 24.59 49.63
N GLY D 302 -9.34 23.81 48.55
CA GLY D 302 -9.61 22.36 48.63
C GLY D 302 -8.64 21.66 49.56
N LEU D 303 -7.36 21.98 49.46
CA LEU D 303 -6.33 21.33 50.34
C LEU D 303 -6.57 21.71 51.79
N GLU D 304 -6.92 22.98 52.07
CA GLU D 304 -7.25 23.37 53.46
C GLU D 304 -8.45 22.61 53.99
N ALA D 305 -9.46 22.37 53.15
CA ALA D 305 -10.66 21.61 53.56
C ALA D 305 -10.23 20.18 53.90
N GLU D 306 -9.43 19.60 53.02
CA GLU D 306 -9.01 18.19 53.24
C GLU D 306 -8.12 18.09 54.48
N TYR D 307 -7.20 19.05 54.66
CA TYR D 307 -6.34 19.11 55.90
C TYR D 307 -7.22 19.11 57.15
N ASP D 308 -8.24 19.99 57.19
CA ASP D 308 -9.13 20.14 58.37
C ASP D 308 -9.90 18.84 58.58
N TYR D 309 -10.34 18.20 57.50
CA TYR D 309 -11.04 16.91 57.62
C TYR D 309 -10.09 15.88 58.24
N ILE D 310 -8.87 15.76 57.72
CA ILE D 310 -7.91 14.71 58.17
C ILE D 310 -7.54 14.94 59.65
N LYS D 311 -7.29 16.20 60.01
CA LYS D 311 -7.00 16.55 61.43
C LYS D 311 -8.12 16.03 62.32
N GLN D 312 -9.39 16.25 61.96
CA GLN D 312 -10.55 15.86 62.79
C GLN D 312 -10.69 14.34 62.80
N LEU D 313 -10.35 13.71 61.66
CA LEU D 313 -10.52 12.27 61.49
C LEU D 313 -9.61 11.55 62.48
N TYR D 314 -8.39 12.04 62.65
CA TYR D 314 -7.33 11.46 63.52
C TYR D 314 -7.11 12.36 64.76
N LYS D 315 -8.18 12.72 65.48
CA LYS D 315 -8.17 13.73 66.58
#